data_6M8Q
#
_entry.id   6M8Q
#
_cell.length_a   106.222
_cell.length_b   106.222
_cell.length_c   206.035
_cell.angle_alpha   90.00
_cell.angle_beta   90.00
_cell.angle_gamma   90.00
#
_symmetry.space_group_name_H-M   'P 43 21 2'
#
loop_
_entity.id
_entity.type
_entity.pdbx_description
1 polymer 'Cleavage and polyadenylation specificity factor subunit 3'
2 non-polymer 'ZINC ION'
3 non-polymer N-{3,5-dichloro-2-hydroxy-4-[2-(4-methylpiperazin-1-yl)ethoxy]benzene-1-carbonyl}-L-phenylalanine
4 non-polymer 'PHOSPHATE ION'
5 water water
#
_entity_poly.entity_id   1
_entity_poly.type   'polypeptide(L)'
_entity_poly.pdbx_seq_one_letter_code
;GSSHHHHHHSSGLVPRGSHMSAIPAEESDQLLIRPLGAGQEVGRSCIILEFKGRKIMLDCGIHPGLEGMDALPYIDLIDP
AEIDLLLISHFHLDHCGALPWFLQKTSFKGRTFMTHATKAIYRWLLSDYVKVSNISADDMLYTETDLEESMDKIETINFH
EVKEVAGIKFWCYHAGHVLGAAMFMIEIAGVKLLYTGDFSRQEDRHLMAAEIPNIKPDILIIESTYGTHIHEKREEREAR
FCNTVHDIVNRGGRGLIPVFALGRAQELLLILDEYWQNHPELHDIPIYYASSLAKKCMAVYQTYVNAMNDKIRKQININN
PFVFKHISNLKSMDHFDDIGPSVVMASPGMMQSGLSRELFESWCTDKRNGVIIAGYCVEGTLAKHIMSEPEEITTMSGQK
LPLKMSVDYISFSAHTDYQQTSEFIRALKPPHVILVHGEQNEMARLKAALIREYEDNDEVHIEVHNPRNTEAVTLNFR
;
_entity_poly.pdbx_strand_id   A,B
#
loop_
_chem_comp.id
_chem_comp.type
_chem_comp.name
_chem_comp.formula
JBG non-polymer N-{3,5-dichloro-2-hydroxy-4-[2-(4-methylpiperazin-1-yl)ethoxy]benzene-1-carbonyl}-L-phenylalanine 'C23 H27 Cl2 N3 O5'
PO4 non-polymer 'PHOSPHATE ION' 'O4 P -3'
ZN non-polymer 'ZINC ION' 'Zn 2'
#
# COMPACT_ATOMS: atom_id res chain seq x y z
N SER A 28 31.05 -13.75 25.89
CA SER A 28 29.81 -13.44 25.17
C SER A 28 29.66 -14.26 23.88
N ASP A 29 28.73 -15.24 23.90
CA ASP A 29 28.48 -16.14 22.76
C ASP A 29 27.91 -15.41 21.55
N GLN A 30 28.34 -15.85 20.35
CA GLN A 30 27.90 -15.25 19.08
C GLN A 30 26.81 -16.03 18.35
N LEU A 31 25.66 -15.36 18.12
CA LEU A 31 24.53 -15.93 17.42
C LEU A 31 24.58 -15.48 15.95
N LEU A 32 24.47 -16.46 15.05
CA LEU A 32 24.53 -16.25 13.62
C LEU A 32 23.23 -16.65 12.92
N ILE A 33 22.67 -15.72 12.13
CA ILE A 33 21.47 -15.99 11.33
C ILE A 33 21.80 -15.76 9.87
N ARG A 34 21.65 -16.80 9.02
CA ARG A 34 21.95 -16.68 7.60
C ARG A 34 20.83 -17.22 6.68
N PRO A 35 20.28 -16.38 5.77
CA PRO A 35 19.27 -16.90 4.84
C PRO A 35 19.94 -17.54 3.64
N LEU A 36 19.61 -18.80 3.39
CA LEU A 36 20.08 -19.56 2.24
C LEU A 36 19.02 -19.37 1.15
N GLY A 37 17.86 -18.90 1.59
CA GLY A 37 16.72 -18.64 0.72
C GLY A 37 15.77 -17.71 1.43
N ALA A 38 14.94 -17.00 0.67
CA ALA A 38 13.94 -16.01 1.13
C ALA A 38 14.61 -14.72 1.70
N GLY A 39 15.90 -14.54 1.38
CA GLY A 39 16.65 -13.34 1.76
C GLY A 39 16.45 -12.30 0.68
N GLN A 40 15.70 -11.24 0.98
CA GLN A 40 15.35 -10.17 0.03
C GLN A 40 14.61 -10.70 -1.24
N GLU A 41 13.82 -11.76 -1.05
CA GLU A 41 13.00 -12.42 -2.09
C GLU A 41 11.92 -13.31 -1.45
N VAL A 42 10.93 -13.73 -2.27
CA VAL A 42 9.92 -14.70 -1.89
C VAL A 42 10.30 -15.97 -2.70
N GLY A 43 10.45 -17.11 -2.01
CA GLY A 43 10.81 -18.38 -2.61
C GLY A 43 11.92 -19.08 -1.84
N ARG A 44 11.96 -20.45 -1.93
CA ARG A 44 12.98 -21.31 -1.30
C ARG A 44 13.36 -20.91 0.12
N SER A 45 12.36 -20.69 1.01
CA SER A 45 12.66 -20.31 2.40
C SER A 45 13.54 -21.36 3.03
N CYS A 46 14.67 -20.90 3.58
CA CYS A 46 15.67 -21.75 4.25
C CYS A 46 16.57 -20.79 5.00
N ILE A 47 16.53 -20.84 6.34
CA ILE A 47 17.31 -19.95 7.18
C ILE A 47 18.15 -20.78 8.15
N ILE A 48 19.47 -20.53 8.15
CA ILE A 48 20.44 -21.18 9.05
C ILE A 48 20.66 -20.31 10.30
N LEU A 49 20.54 -20.96 11.44
CA LEU A 49 20.68 -20.37 12.77
C LEU A 49 21.84 -21.14 13.50
N GLU A 50 22.95 -20.44 13.82
CA GLU A 50 24.15 -21.01 14.45
C GLU A 50 24.46 -20.34 15.80
N PHE A 51 24.51 -21.15 16.89
CA PHE A 51 24.72 -20.71 18.27
C PHE A 51 25.04 -21.91 19.19
N LYS A 52 26.11 -21.76 20.01
CA LYS A 52 26.66 -22.66 21.03
C LYS A 52 26.89 -24.11 20.52
N GLY A 53 27.54 -24.21 19.36
CA GLY A 53 27.87 -25.47 18.72
C GLY A 53 26.68 -26.20 18.13
N ARG A 54 25.55 -25.47 17.97
CA ARG A 54 24.31 -25.98 17.39
C ARG A 54 23.99 -25.27 16.12
N LYS A 55 23.57 -26.04 15.12
CA LYS A 55 23.16 -25.57 13.80
C LYS A 55 21.69 -25.97 13.59
N ILE A 56 20.86 -24.98 13.31
CA ILE A 56 19.43 -25.15 13.10
C ILE A 56 19.04 -24.59 11.73
N MET A 57 18.19 -25.34 11.00
CA MET A 57 17.66 -24.92 9.73
C MET A 57 16.14 -24.73 9.90
N LEU A 58 15.67 -23.54 9.48
CA LEU A 58 14.25 -23.13 9.51
C LEU A 58 13.75 -23.15 8.07
N ASP A 59 12.83 -24.10 7.75
CA ASP A 59 12.21 -24.33 6.44
C ASP A 59 13.24 -24.85 5.38
N CYS A 60 12.74 -25.37 4.26
CA CYS A 60 13.51 -25.98 3.19
C CYS A 60 12.66 -26.02 1.91
N GLY A 61 12.41 -24.84 1.34
CA GLY A 61 11.56 -24.77 0.17
C GLY A 61 12.29 -24.68 -1.14
N ILE A 62 11.50 -24.71 -2.24
CA ILE A 62 11.98 -24.51 -3.61
C ILE A 62 11.49 -23.12 -4.03
N HIS A 63 12.02 -22.62 -5.14
CA HIS A 63 11.67 -21.35 -5.71
C HIS A 63 10.82 -21.65 -6.96
N PRO A 64 9.49 -21.33 -6.94
CA PRO A 64 8.64 -21.61 -8.13
C PRO A 64 9.04 -20.94 -9.46
N GLY A 65 9.70 -19.79 -9.38
CA GLY A 65 10.17 -19.05 -10.56
C GLY A 65 11.52 -19.52 -11.11
N LEU A 66 12.07 -20.63 -10.60
CA LEU A 66 13.36 -21.15 -11.06
C LEU A 66 13.28 -22.63 -11.37
N GLU A 67 14.32 -23.14 -12.06
CA GLU A 67 14.44 -24.53 -12.50
C GLU A 67 15.67 -25.26 -11.96
N GLY A 68 15.53 -26.57 -11.83
CA GLY A 68 16.57 -27.49 -11.37
C GLY A 68 17.18 -27.12 -10.05
N MET A 69 18.50 -27.33 -9.93
CA MET A 69 19.32 -27.03 -8.76
C MET A 69 19.27 -25.53 -8.36
N ASP A 70 19.01 -24.61 -9.30
CA ASP A 70 18.92 -23.17 -9.03
C ASP A 70 17.69 -22.77 -8.19
N ALA A 71 16.60 -23.56 -8.29
CA ALA A 71 15.36 -23.33 -7.55
C ALA A 71 15.54 -23.65 -6.04
N LEU A 72 16.68 -24.28 -5.69
CA LEU A 72 16.98 -24.67 -4.32
C LEU A 72 17.60 -23.52 -3.56
N PRO A 73 17.56 -23.55 -2.21
CA PRO A 73 18.32 -22.55 -1.43
C PRO A 73 19.84 -22.80 -1.61
N TYR A 74 20.68 -21.82 -1.24
CA TYR A 74 22.14 -21.93 -1.36
C TYR A 74 22.74 -22.91 -0.33
N ILE A 75 22.29 -24.16 -0.39
CA ILE A 75 22.67 -25.30 0.46
C ILE A 75 24.18 -25.62 0.34
N ASP A 76 24.82 -25.29 -0.79
CA ASP A 76 26.28 -25.49 -1.01
C ASP A 76 27.11 -24.72 0.04
N LEU A 77 26.50 -23.71 0.71
CA LEU A 77 27.19 -22.94 1.73
C LEU A 77 27.14 -23.56 3.14
N ILE A 78 26.68 -24.82 3.28
CA ILE A 78 26.60 -25.48 4.59
C ILE A 78 26.94 -26.96 4.47
N ASP A 79 27.17 -27.64 5.60
CA ASP A 79 27.36 -29.08 5.58
C ASP A 79 26.10 -29.75 6.16
N PRO A 80 25.31 -30.44 5.31
CA PRO A 80 24.08 -31.11 5.78
C PRO A 80 24.20 -31.97 7.05
N ALA A 81 25.35 -32.68 7.18
CA ALA A 81 25.69 -33.56 8.30
C ALA A 81 25.81 -32.80 9.63
N GLU A 82 26.13 -31.49 9.56
CA GLU A 82 26.28 -30.66 10.75
C GLU A 82 24.94 -30.08 11.28
N ILE A 83 23.84 -30.16 10.51
CA ILE A 83 22.53 -29.67 10.94
C ILE A 83 21.89 -30.61 12.00
N ASP A 84 21.71 -30.08 13.22
CA ASP A 84 21.10 -30.81 14.34
C ASP A 84 19.59 -30.88 14.21
N LEU A 85 18.96 -29.72 13.94
CA LEU A 85 17.52 -29.53 13.88
C LEU A 85 17.04 -28.89 12.58
N LEU A 86 15.93 -29.40 12.07
CA LEU A 86 15.27 -28.84 10.88
C LEU A 86 13.79 -28.69 11.25
N LEU A 87 13.31 -27.44 11.23
CA LEU A 87 11.93 -27.07 11.61
C LEU A 87 11.19 -26.54 10.41
N ILE A 88 9.99 -27.09 10.13
CA ILE A 88 9.13 -26.73 8.99
C ILE A 88 7.88 -26.03 9.47
N SER A 89 7.71 -24.77 9.06
CA SER A 89 6.61 -23.88 9.46
C SER A 89 5.23 -24.29 8.96
N HIS A 90 5.11 -24.55 7.64
CA HIS A 90 3.86 -24.92 6.98
C HIS A 90 4.11 -25.68 5.71
N PHE A 91 3.05 -26.26 5.16
CA PHE A 91 3.13 -27.18 4.02
C PHE A 91 3.33 -26.54 2.67
N HIS A 92 3.38 -25.21 2.57
CA HIS A 92 3.60 -24.53 1.30
C HIS A 92 4.94 -24.89 0.65
N LEU A 93 4.90 -25.06 -0.68
CA LEU A 93 6.05 -25.49 -1.46
C LEU A 93 7.31 -24.64 -1.29
N ASP A 94 7.17 -23.33 -1.09
CA ASP A 94 8.31 -22.45 -0.88
C ASP A 94 8.87 -22.55 0.54
N HIS A 95 8.38 -23.51 1.33
CA HIS A 95 8.86 -23.72 2.69
C HIS A 95 9.22 -25.21 2.92
N CYS A 96 8.65 -26.14 2.14
CA CYS A 96 8.95 -27.56 2.30
C CYS A 96 9.21 -28.32 0.95
N GLY A 97 9.07 -27.63 -0.19
CA GLY A 97 9.29 -28.22 -1.51
C GLY A 97 10.63 -28.93 -1.77
N ALA A 98 11.73 -28.43 -1.18
CA ALA A 98 13.05 -29.07 -1.34
C ALA A 98 13.30 -30.16 -0.30
N LEU A 99 12.45 -30.22 0.75
CA LEU A 99 12.59 -31.17 1.85
C LEU A 99 12.84 -32.63 1.42
N PRO A 100 12.18 -33.25 0.41
CA PRO A 100 12.52 -34.65 0.10
C PRO A 100 13.93 -34.80 -0.49
N TRP A 101 14.44 -33.74 -1.12
CA TRP A 101 15.79 -33.74 -1.67
C TRP A 101 16.82 -33.61 -0.52
N PHE A 102 16.53 -32.75 0.45
CA PHE A 102 17.42 -32.55 1.58
C PHE A 102 17.44 -33.76 2.54
N LEU A 103 16.32 -34.44 2.72
CA LEU A 103 16.20 -35.62 3.58
C LEU A 103 16.79 -36.92 2.99
N GLN A 104 16.63 -37.12 1.67
CA GLN A 104 17.02 -38.32 0.93
C GLN A 104 18.30 -38.23 0.11
N LYS A 105 18.59 -37.05 -0.46
CA LYS A 105 19.74 -36.90 -1.36
C LYS A 105 20.91 -36.06 -0.78
N THR A 106 21.02 -35.92 0.56
CA THR A 106 22.14 -35.22 1.23
C THR A 106 22.58 -36.02 2.45
N SER A 107 23.75 -35.65 3.01
CA SER A 107 24.39 -36.23 4.19
C SER A 107 23.71 -35.86 5.52
N PHE A 108 22.60 -35.08 5.47
CA PHE A 108 21.81 -34.67 6.64
C PHE A 108 21.41 -35.87 7.52
N LYS A 109 21.79 -35.84 8.80
CA LYS A 109 21.47 -36.90 9.77
C LYS A 109 20.69 -36.38 11.02
N GLY A 110 20.34 -35.09 11.01
CA GLY A 110 19.59 -34.48 12.10
C GLY A 110 18.11 -34.85 12.19
N ARG A 111 17.38 -34.15 13.05
CA ARG A 111 15.94 -34.42 13.23
C ARG A 111 15.07 -33.30 12.63
N THR A 112 13.89 -33.73 12.10
CA THR A 112 12.92 -32.89 11.40
C THR A 112 11.59 -32.90 12.08
N PHE A 113 11.02 -31.69 12.27
CA PHE A 113 9.75 -31.50 12.94
C PHE A 113 8.75 -30.68 12.17
N MET A 114 7.52 -31.15 12.19
CA MET A 114 6.35 -30.53 11.59
C MET A 114 5.17 -30.70 12.52
N THR A 115 4.11 -29.90 12.36
CA THR A 115 2.89 -30.16 13.12
C THR A 115 2.20 -31.34 12.38
N HIS A 116 1.24 -32.02 13.02
CA HIS A 116 0.53 -33.18 12.43
C HIS A 116 -0.16 -32.87 11.08
N ALA A 117 -0.95 -31.78 11.01
CA ALA A 117 -1.64 -31.34 9.77
C ALA A 117 -0.62 -31.01 8.65
N THR A 118 0.51 -30.33 8.98
CA THR A 118 1.56 -30.04 7.98
C THR A 118 2.13 -31.36 7.35
N LYS A 119 2.52 -32.34 8.18
CA LYS A 119 3.04 -33.61 7.65
C LYS A 119 2.01 -34.32 6.77
N ALA A 120 0.76 -34.41 7.23
CA ALA A 120 -0.32 -35.05 6.49
C ALA A 120 -0.58 -34.40 5.12
N ILE A 121 -0.58 -33.08 5.06
CA ILE A 121 -0.80 -32.32 3.83
C ILE A 121 0.44 -32.33 2.95
N TYR A 122 1.64 -32.23 3.54
CA TYR A 122 2.93 -32.29 2.83
C TYR A 122 2.97 -33.50 1.86
N ARG A 123 2.54 -34.68 2.32
CA ARG A 123 2.53 -35.90 1.51
C ARG A 123 1.72 -35.81 0.19
N TRP A 124 0.58 -35.10 0.18
CA TRP A 124 -0.29 -35.00 -0.99
C TRP A 124 -0.07 -33.75 -1.84
N LEU A 125 0.25 -32.57 -1.25
CA LEU A 125 0.57 -31.40 -2.07
C LEU A 125 1.81 -31.71 -2.91
N LEU A 126 2.85 -32.36 -2.31
CA LEU A 126 4.10 -32.61 -3.01
C LEU A 126 3.92 -33.66 -4.07
N SER A 127 2.94 -34.55 -3.87
CA SER A 127 2.56 -35.59 -4.84
C SER A 127 1.90 -34.92 -6.07
N ASP A 128 1.09 -33.87 -5.85
CA ASP A 128 0.45 -33.11 -6.94
C ASP A 128 1.51 -32.31 -7.67
N TYR A 129 2.47 -31.79 -6.92
CA TYR A 129 3.62 -31.03 -7.42
C TYR A 129 4.50 -31.85 -8.37
N VAL A 130 4.86 -33.10 -7.99
CA VAL A 130 5.70 -33.96 -8.83
C VAL A 130 4.94 -34.35 -10.11
N LYS A 131 3.60 -34.53 -10.02
CA LYS A 131 2.67 -34.86 -11.11
C LYS A 131 2.58 -33.72 -12.11
N VAL A 132 2.31 -32.50 -11.62
CA VAL A 132 2.19 -31.25 -12.37
C VAL A 132 3.49 -30.92 -13.14
N SER A 133 4.67 -31.19 -12.52
CA SER A 133 6.02 -30.97 -13.05
C SER A 133 6.22 -31.56 -14.46
N ASN A 134 6.90 -30.78 -15.35
CA ASN A 134 7.11 -31.09 -16.76
C ASN A 134 8.55 -31.52 -17.14
N ILE A 135 9.11 -32.54 -16.45
CA ILE A 135 10.43 -33.12 -16.75
C ILE A 135 10.48 -34.60 -16.36
N SER A 136 11.40 -35.36 -16.99
CA SER A 136 11.63 -36.78 -16.71
C SER A 136 12.54 -36.93 -15.49
N ALA A 137 12.58 -38.13 -14.87
CA ALA A 137 13.36 -38.45 -13.67
C ALA A 137 14.82 -37.94 -13.68
N ASP A 138 15.42 -37.78 -14.89
CA ASP A 138 16.81 -37.32 -15.10
C ASP A 138 17.06 -35.91 -14.53
N ASP A 139 16.18 -34.96 -14.89
CA ASP A 139 16.25 -33.56 -14.51
C ASP A 139 15.55 -33.26 -13.16
N MET A 140 14.60 -34.12 -12.76
CA MET A 140 13.82 -33.99 -11.52
C MET A 140 14.68 -34.13 -10.25
N LEU A 141 14.48 -33.22 -9.27
CA LEU A 141 15.20 -33.16 -7.99
C LEU A 141 14.93 -34.39 -7.12
N TYR A 142 13.70 -34.92 -7.16
CA TYR A 142 13.28 -36.12 -6.43
C TYR A 142 12.03 -36.72 -7.07
N THR A 143 11.62 -37.90 -6.59
CA THR A 143 10.47 -38.64 -7.11
C THR A 143 9.39 -38.79 -6.05
N GLU A 144 8.26 -39.39 -6.41
CA GLU A 144 7.19 -39.72 -5.47
C GLU A 144 7.69 -40.79 -4.45
N THR A 145 8.69 -41.63 -4.83
CA THR A 145 9.23 -42.65 -3.93
C THR A 145 10.11 -42.00 -2.85
N ASP A 146 10.91 -40.99 -3.24
CA ASP A 146 11.74 -40.17 -2.38
C ASP A 146 10.87 -39.44 -1.36
N LEU A 147 9.71 -38.89 -1.84
CA LEU A 147 8.72 -38.17 -1.03
C LEU A 147 8.10 -39.11 -0.01
N GLU A 148 7.70 -40.32 -0.45
CA GLU A 148 7.11 -41.35 0.39
C GLU A 148 8.07 -41.81 1.47
N GLU A 149 9.36 -42.01 1.10
CA GLU A 149 10.41 -42.47 2.01
C GLU A 149 10.83 -41.41 3.03
N SER A 150 10.84 -40.12 2.62
CA SER A 150 11.19 -38.99 3.50
C SER A 150 10.25 -38.89 4.73
N MET A 151 9.00 -39.38 4.60
CA MET A 151 7.98 -39.34 5.65
C MET A 151 8.45 -39.85 6.99
N ASP A 152 8.97 -41.11 7.04
CA ASP A 152 9.43 -41.72 8.32
C ASP A 152 10.49 -40.89 9.05
N LYS A 153 11.27 -40.08 8.28
CA LYS A 153 12.31 -39.20 8.79
C LYS A 153 11.77 -37.91 9.47
N ILE A 154 10.43 -37.67 9.39
CA ILE A 154 9.75 -36.49 9.96
C ILE A 154 8.94 -36.79 11.25
N GLU A 155 9.27 -36.08 12.34
CA GLU A 155 8.54 -36.19 13.61
C GLU A 155 7.49 -35.08 13.66
N THR A 156 6.42 -35.34 14.38
CA THR A 156 5.31 -34.43 14.54
C THR A 156 5.32 -33.85 15.96
N ILE A 157 4.95 -32.56 16.05
CA ILE A 157 4.85 -31.83 17.30
C ILE A 157 3.45 -31.21 17.41
N ASN A 158 2.90 -31.17 18.64
CA ASN A 158 1.61 -30.56 18.89
C ASN A 158 1.84 -29.10 19.17
N PHE A 159 0.80 -28.29 19.08
CA PHE A 159 0.94 -26.89 19.43
C PHE A 159 1.04 -26.78 20.96
N HIS A 160 1.75 -25.74 21.44
CA HIS A 160 1.93 -25.39 22.85
C HIS A 160 2.57 -26.51 23.68
N GLU A 161 3.55 -27.24 23.08
CA GLU A 161 4.26 -28.35 23.70
C GLU A 161 5.76 -28.28 23.41
N VAL A 162 6.53 -28.22 24.48
CA VAL A 162 7.97 -28.19 24.50
C VAL A 162 8.58 -29.54 24.11
N LYS A 163 9.57 -29.47 23.25
CA LYS A 163 10.38 -30.58 22.82
C LYS A 163 11.80 -30.10 23.01
N GLU A 164 12.70 -31.01 23.41
CA GLU A 164 14.10 -30.71 23.59
C GLU A 164 14.92 -31.63 22.69
N VAL A 165 15.77 -31.04 21.81
CA VAL A 165 16.64 -31.78 20.92
C VAL A 165 18.04 -31.16 20.99
N ALA A 166 19.06 -31.96 21.34
CA ALA A 166 20.47 -31.53 21.42
C ALA A 166 20.67 -30.27 22.29
N GLY A 167 19.87 -30.15 23.36
CA GLY A 167 19.90 -28.98 24.23
C GLY A 167 18.97 -27.86 23.80
N ILE A 168 18.54 -27.85 22.51
CA ILE A 168 17.63 -26.87 21.93
C ILE A 168 16.22 -27.17 22.39
N LYS A 169 15.58 -26.20 23.05
CA LYS A 169 14.19 -26.33 23.47
C LYS A 169 13.30 -25.60 22.45
N PHE A 170 12.21 -26.23 22.00
CA PHE A 170 11.32 -25.58 21.02
C PHE A 170 9.87 -25.94 21.24
N TRP A 171 8.98 -25.03 20.83
CA TRP A 171 7.53 -25.18 20.86
C TRP A 171 6.95 -24.28 19.78
N CYS A 172 5.67 -24.46 19.46
CA CYS A 172 5.09 -23.63 18.41
C CYS A 172 3.73 -23.09 18.76
N TYR A 173 3.36 -22.03 18.02
CA TYR A 173 2.13 -21.28 18.15
C TYR A 173 1.36 -21.38 16.85
N HIS A 174 0.04 -21.04 16.84
CA HIS A 174 -0.69 -21.02 15.58
C HIS A 174 -0.24 -19.81 14.72
N ALA A 175 -0.08 -20.04 13.39
CA ALA A 175 0.32 -19.00 12.44
C ALA A 175 -0.86 -18.53 11.60
N GLY A 176 -1.99 -19.24 11.66
CA GLY A 176 -3.14 -18.99 10.81
C GLY A 176 -2.66 -19.34 9.42
N HIS A 177 -2.92 -18.49 8.40
CA HIS A 177 -2.37 -18.64 7.04
C HIS A 177 -2.86 -19.91 6.33
N VAL A 178 -2.35 -21.10 6.68
CA VAL A 178 -2.79 -22.39 6.14
C VAL A 178 -2.95 -23.42 7.28
N LEU A 179 -3.75 -24.49 7.06
CA LEU A 179 -3.97 -25.57 8.01
C LEU A 179 -2.63 -26.11 8.54
N GLY A 180 -2.50 -26.16 9.86
CA GLY A 180 -1.28 -26.66 10.50
C GLY A 180 -0.10 -25.70 10.58
N ALA A 181 -0.20 -24.45 10.00
CA ALA A 181 0.90 -23.49 10.01
C ALA A 181 1.28 -23.09 11.44
N ALA A 182 2.60 -23.10 11.71
CA ALA A 182 3.16 -22.83 13.02
C ALA A 182 4.16 -21.68 13.02
N MET A 183 4.28 -21.02 14.17
CA MET A 183 5.34 -20.07 14.42
C MET A 183 6.18 -20.77 15.49
N PHE A 184 7.46 -21.06 15.19
CA PHE A 184 8.34 -21.75 16.14
C PHE A 184 9.07 -20.79 17.07
N MET A 185 9.06 -21.11 18.36
CA MET A 185 9.83 -20.43 19.38
C MET A 185 10.96 -21.41 19.74
N ILE A 186 12.22 -20.94 19.66
CA ILE A 186 13.43 -21.74 19.90
C ILE A 186 14.22 -21.11 21.07
N GLU A 187 14.56 -21.91 22.09
CA GLU A 187 15.32 -21.45 23.24
C GLU A 187 16.61 -22.26 23.39
N ILE A 188 17.74 -21.54 23.33
CA ILE A 188 19.08 -22.07 23.52
C ILE A 188 19.81 -21.19 24.56
N ALA A 189 20.13 -21.80 25.73
CA ALA A 189 20.85 -21.17 26.85
C ALA A 189 20.38 -19.75 27.19
N GLY A 190 19.08 -19.61 27.49
CA GLY A 190 18.45 -18.35 27.86
C GLY A 190 18.13 -17.39 26.72
N VAL A 191 18.55 -17.74 25.47
CA VAL A 191 18.30 -16.94 24.27
C VAL A 191 17.08 -17.50 23.54
N LYS A 192 16.00 -16.68 23.43
CA LYS A 192 14.73 -17.01 22.77
C LYS A 192 14.68 -16.39 21.37
N LEU A 193 14.36 -17.22 20.36
CA LEU A 193 14.20 -16.78 18.97
C LEU A 193 12.81 -17.21 18.44
N LEU A 194 12.09 -16.29 17.80
CA LEU A 194 10.77 -16.61 17.25
C LEU A 194 10.78 -16.41 15.76
N TYR A 195 10.40 -17.47 15.03
CA TYR A 195 10.32 -17.49 13.56
C TYR A 195 8.83 -17.59 13.19
N THR A 196 8.32 -16.60 12.46
CA THR A 196 6.88 -16.59 12.16
C THR A 196 6.43 -17.55 11.06
N GLY A 197 7.35 -17.98 10.16
CA GLY A 197 7.03 -18.71 8.94
C GLY A 197 6.22 -17.70 8.16
N ASP A 198 5.06 -18.13 7.64
CA ASP A 198 4.09 -17.20 7.01
C ASP A 198 2.91 -17.18 7.95
N PHE A 199 2.34 -15.98 8.17
CA PHE A 199 1.27 -15.89 9.14
C PHE A 199 0.23 -14.83 8.83
N SER A 200 -0.96 -14.99 9.41
CA SER A 200 -2.06 -14.02 9.27
C SER A 200 -2.65 -13.75 10.63
N ARG A 201 -3.01 -12.52 10.89
CA ARG A 201 -3.52 -12.14 12.22
C ARG A 201 -5.03 -11.85 12.22
N GLN A 202 -5.73 -12.41 11.22
CA GLN A 202 -7.17 -12.36 11.02
C GLN A 202 -7.69 -13.77 10.78
N GLU A 203 -8.84 -14.10 11.34
CA GLU A 203 -9.49 -15.37 11.12
C GLU A 203 -10.21 -15.30 9.78
N ASP A 204 -10.28 -16.40 9.07
CA ASP A 204 -11.13 -16.42 7.89
C ASP A 204 -12.25 -17.42 8.24
N ARG A 205 -12.91 -17.99 7.26
CA ARG A 205 -14.00 -18.93 7.49
C ARG A 205 -13.66 -20.22 8.25
N HIS A 206 -12.42 -20.72 8.13
CA HIS A 206 -12.08 -21.98 8.77
C HIS A 206 -10.77 -21.97 9.56
N LEU A 207 -9.96 -20.92 9.43
CA LEU A 207 -8.69 -20.85 10.13
C LEU A 207 -8.67 -19.81 11.22
N MET A 208 -7.89 -20.07 12.25
CA MET A 208 -7.67 -19.15 13.37
C MET A 208 -6.70 -18.05 12.97
N ALA A 209 -6.56 -17.00 13.79
CA ALA A 209 -5.58 -15.96 13.54
C ALA A 209 -4.29 -16.42 14.20
N ALA A 210 -3.19 -15.78 13.91
CA ALA A 210 -1.97 -16.17 14.57
C ALA A 210 -2.04 -15.68 16.03
N GLU A 211 -1.37 -16.42 16.91
CA GLU A 211 -1.31 -16.10 18.31
C GLU A 211 -0.25 -15.08 18.54
N ILE A 212 -0.43 -14.23 19.53
CA ILE A 212 0.68 -13.35 19.88
C ILE A 212 1.31 -14.04 21.09
N PRO A 213 2.53 -14.62 20.97
CA PRO A 213 3.16 -15.24 22.16
C PRO A 213 3.26 -14.25 23.35
N ASN A 214 3.06 -14.76 24.57
CA ASN A 214 3.23 -13.95 25.78
C ASN A 214 4.71 -13.99 26.23
N ILE A 215 5.43 -15.10 25.90
CA ILE A 215 6.87 -15.27 26.15
C ILE A 215 7.59 -14.34 25.14
N LYS A 216 8.49 -13.50 25.62
CA LYS A 216 9.08 -12.51 24.72
C LYS A 216 10.42 -12.96 24.15
N PRO A 217 10.59 -12.91 22.81
CA PRO A 217 11.86 -13.35 22.22
C PRO A 217 12.94 -12.26 22.16
N ASP A 218 14.20 -12.69 22.12
CA ASP A 218 15.35 -11.81 21.96
C ASP A 218 15.45 -11.45 20.48
N ILE A 219 15.19 -12.45 19.61
CA ILE A 219 15.22 -12.30 18.16
C ILE A 219 13.90 -12.69 17.53
N LEU A 220 13.46 -11.89 16.55
CA LEU A 220 12.26 -12.18 15.78
C LEU A 220 12.57 -12.24 14.32
N ILE A 221 12.29 -13.37 13.67
CA ILE A 221 12.44 -13.54 12.22
C ILE A 221 10.99 -13.55 11.67
N ILE A 222 10.67 -12.51 10.89
CA ILE A 222 9.34 -12.29 10.37
C ILE A 222 9.31 -12.12 8.87
N GLU A 223 8.24 -12.68 8.24
CA GLU A 223 7.91 -12.60 6.82
C GLU A 223 7.59 -11.12 6.48
N SER A 224 7.83 -10.70 5.26
CA SER A 224 7.57 -9.31 4.84
C SER A 224 6.64 -9.21 3.62
N THR A 225 6.05 -10.32 3.16
CA THR A 225 5.26 -10.42 1.93
C THR A 225 4.33 -9.25 1.60
N TYR A 226 3.49 -8.81 2.56
CA TYR A 226 2.49 -7.76 2.32
C TYR A 226 2.64 -6.61 3.38
N GLY A 227 3.85 -6.51 3.94
CA GLY A 227 4.25 -5.58 4.98
C GLY A 227 4.15 -4.09 4.67
N THR A 228 4.07 -3.70 3.39
CA THR A 228 3.91 -2.27 3.05
C THR A 228 2.49 -1.98 2.57
N HIS A 229 1.56 -2.91 2.81
CA HIS A 229 0.18 -2.72 2.37
C HIS A 229 -0.80 -2.80 3.50
N ILE A 230 -2.06 -2.44 3.23
CA ILE A 230 -3.14 -2.45 4.21
C ILE A 230 -4.33 -3.26 3.64
N HIS A 231 -4.76 -4.30 4.39
CA HIS A 231 -5.88 -5.16 3.98
C HIS A 231 -7.22 -4.46 4.00
N GLU A 232 -8.07 -4.81 3.05
CA GLU A 232 -9.47 -4.39 2.98
C GLU A 232 -10.24 -5.41 3.86
N LYS A 233 -11.51 -5.13 4.14
CA LYS A 233 -12.40 -6.04 4.87
C LYS A 233 -12.53 -7.39 4.11
N ARG A 234 -12.65 -8.51 4.88
CA ARG A 234 -12.85 -9.86 4.35
C ARG A 234 -14.10 -9.87 3.48
N GLU A 235 -15.16 -9.19 3.94
CA GLU A 235 -16.42 -9.07 3.22
C GLU A 235 -16.24 -8.43 1.86
N GLU A 236 -15.34 -7.45 1.72
CA GLU A 236 -15.13 -6.75 0.45
C GLU A 236 -14.34 -7.62 -0.52
N ARG A 237 -13.32 -8.34 -0.01
CA ARG A 237 -12.49 -9.21 -0.84
C ARG A 237 -13.34 -10.37 -1.40
N GLU A 238 -14.23 -10.93 -0.56
CA GLU A 238 -15.12 -12.04 -0.92
C GLU A 238 -16.14 -11.60 -1.95
N ALA A 239 -16.72 -10.39 -1.77
CA ALA A 239 -17.70 -9.83 -2.69
C ALA A 239 -17.07 -9.54 -4.06
N ARG A 240 -15.87 -8.92 -4.11
CA ARG A 240 -15.11 -8.59 -5.34
C ARG A 240 -14.85 -9.86 -6.17
N PHE A 241 -14.38 -10.92 -5.47
CA PHE A 241 -14.06 -12.24 -6.00
C PHE A 241 -15.30 -12.86 -6.66
N CYS A 242 -16.40 -12.96 -5.87
CA CYS A 242 -17.67 -13.52 -6.30
C CYS A 242 -18.29 -12.73 -7.47
N ASN A 243 -18.24 -11.40 -7.41
CA ASN A 243 -18.72 -10.52 -8.47
C ASN A 243 -17.96 -10.72 -9.78
N THR A 244 -16.63 -10.85 -9.73
CA THR A 244 -15.80 -11.16 -10.90
C THR A 244 -16.21 -12.51 -11.51
N VAL A 245 -16.28 -13.59 -10.70
CA VAL A 245 -16.70 -14.93 -11.17
C VAL A 245 -18.07 -14.81 -11.84
N HIS A 246 -19.06 -14.25 -11.12
CA HIS A 246 -20.41 -14.05 -11.64
C HIS A 246 -20.42 -13.28 -12.95
N ASP A 247 -19.63 -12.20 -13.05
CA ASP A 247 -19.50 -11.38 -14.28
C ASP A 247 -18.95 -12.17 -15.46
N ILE A 248 -18.02 -13.10 -15.20
CA ILE A 248 -17.45 -13.96 -16.23
C ILE A 248 -18.52 -14.92 -16.78
N VAL A 249 -19.20 -15.66 -15.92
CA VAL A 249 -20.19 -16.65 -16.37
C VAL A 249 -21.40 -15.97 -17.05
N ASN A 250 -21.83 -14.79 -16.54
CA ASN A 250 -22.94 -14.01 -17.10
C ASN A 250 -22.75 -13.64 -18.56
N ARG A 251 -21.50 -13.29 -18.92
CA ARG A 251 -21.14 -12.88 -20.28
C ARG A 251 -20.83 -14.09 -21.20
N GLY A 252 -21.13 -15.30 -20.71
CA GLY A 252 -20.94 -16.54 -21.44
C GLY A 252 -19.54 -17.08 -21.41
N GLY A 253 -18.76 -16.67 -20.43
CA GLY A 253 -17.37 -17.11 -20.32
C GLY A 253 -17.13 -18.25 -19.36
N ARG A 254 -15.92 -18.78 -19.39
CA ARG A 254 -15.52 -19.77 -18.41
C ARG A 254 -14.45 -19.17 -17.50
N GLY A 255 -14.61 -19.38 -16.20
CA GLY A 255 -13.71 -18.85 -15.19
C GLY A 255 -12.59 -19.79 -14.81
N LEU A 256 -11.35 -19.32 -14.97
CA LEU A 256 -10.23 -20.10 -14.52
C LEU A 256 -9.71 -19.53 -13.19
N ILE A 257 -9.61 -20.39 -12.16
CA ILE A 257 -9.06 -20.05 -10.83
C ILE A 257 -7.89 -21.03 -10.55
N PRO A 258 -6.64 -20.70 -11.00
CA PRO A 258 -5.50 -21.60 -10.72
C PRO A 258 -5.11 -21.62 -9.24
N VAL A 259 -4.96 -22.81 -8.67
CA VAL A 259 -4.60 -23.10 -7.28
C VAL A 259 -4.21 -24.55 -7.16
N PHE A 260 -3.26 -24.87 -6.27
CA PHE A 260 -2.93 -26.25 -5.93
C PHE A 260 -4.06 -26.79 -5.07
N ALA A 261 -4.30 -28.11 -5.10
CA ALA A 261 -5.44 -28.74 -4.40
C ALA A 261 -5.50 -28.47 -2.91
N LEU A 262 -4.34 -28.29 -2.26
CA LEU A 262 -4.27 -28.00 -0.81
C LEU A 262 -3.55 -26.65 -0.61
N GLY A 263 -4.15 -25.77 0.20
CA GLY A 263 -3.64 -24.45 0.53
C GLY A 263 -4.73 -23.42 0.73
N ARG A 264 -4.65 -22.30 0.00
CA ARG A 264 -5.70 -21.29 0.11
C ARG A 264 -7.01 -21.63 -0.70
N ALA A 265 -6.94 -22.72 -1.49
CA ALA A 265 -8.00 -23.26 -2.34
C ALA A 265 -9.22 -23.60 -1.51
N GLN A 266 -9.00 -24.12 -0.28
CA GLN A 266 -10.06 -24.53 0.64
C GLN A 266 -10.95 -23.40 1.06
N GLU A 267 -10.35 -22.19 1.24
CA GLU A 267 -11.09 -20.97 1.52
C GLU A 267 -11.96 -20.57 0.35
N LEU A 268 -11.44 -20.66 -0.87
CA LEU A 268 -12.12 -20.28 -2.12
C LEU A 268 -13.29 -21.14 -2.42
N LEU A 269 -13.15 -22.45 -2.15
CA LEU A 269 -14.21 -23.46 -2.31
C LEU A 269 -15.36 -23.15 -1.36
N LEU A 270 -15.06 -22.73 -0.11
CA LEU A 270 -16.06 -22.36 0.89
C LEU A 270 -16.84 -21.13 0.45
N ILE A 271 -16.15 -20.10 -0.06
CA ILE A 271 -16.76 -18.85 -0.54
C ILE A 271 -17.71 -19.16 -1.72
N LEU A 272 -17.20 -19.84 -2.77
CA LEU A 272 -17.98 -20.19 -3.97
C LEU A 272 -19.16 -21.06 -3.69
N ASP A 273 -18.99 -22.08 -2.84
CA ASP A 273 -20.11 -22.96 -2.54
C ASP A 273 -21.25 -22.18 -1.86
N GLU A 274 -20.93 -21.26 -0.92
CA GLU A 274 -21.90 -20.38 -0.26
C GLU A 274 -22.57 -19.44 -1.27
N TYR A 275 -21.80 -18.86 -2.20
CA TYR A 275 -22.32 -17.93 -3.22
C TYR A 275 -23.26 -18.64 -4.17
N TRP A 276 -22.93 -19.88 -4.59
CA TRP A 276 -23.81 -20.62 -5.48
C TRP A 276 -25.14 -20.94 -4.77
N GLN A 277 -25.11 -21.26 -3.46
CA GLN A 277 -26.33 -21.47 -2.64
C GLN A 277 -27.19 -20.21 -2.67
N ASN A 278 -26.58 -19.03 -2.45
CA ASN A 278 -27.30 -17.77 -2.40
C ASN A 278 -27.79 -17.26 -3.76
N HIS A 279 -27.36 -17.90 -4.86
CA HIS A 279 -27.75 -17.48 -6.20
C HIS A 279 -28.28 -18.64 -7.03
N PRO A 280 -29.62 -18.91 -6.91
CA PRO A 280 -30.26 -19.98 -7.67
C PRO A 280 -30.16 -19.85 -9.18
N GLU A 281 -29.91 -18.65 -9.68
CA GLU A 281 -29.74 -18.42 -11.12
C GLU A 281 -28.37 -18.94 -11.62
N LEU A 282 -27.55 -19.53 -10.74
CA LEU A 282 -26.27 -20.13 -11.15
C LEU A 282 -26.29 -21.67 -11.04
N HIS A 283 -27.41 -22.30 -10.60
N HIS A 283 -27.45 -22.27 -10.67
CA HIS A 283 -27.49 -23.75 -10.40
CA HIS A 283 -27.68 -23.72 -10.50
C HIS A 283 -27.25 -24.54 -11.71
C HIS A 283 -27.19 -24.50 -11.72
N ASP A 284 -27.38 -23.86 -12.88
CA ASP A 284 -27.10 -24.32 -14.23
C ASP A 284 -25.57 -24.33 -14.51
N ILE A 285 -24.81 -23.45 -13.83
CA ILE A 285 -23.37 -23.33 -14.05
C ILE A 285 -22.59 -24.23 -13.13
N PRO A 286 -21.81 -25.18 -13.68
CA PRO A 286 -21.02 -26.09 -12.82
C PRO A 286 -19.72 -25.45 -12.31
N ILE A 287 -19.22 -25.92 -11.13
CA ILE A 287 -17.96 -25.54 -10.47
C ILE A 287 -17.20 -26.82 -10.32
N TYR A 288 -15.98 -26.85 -10.84
CA TYR A 288 -15.12 -28.01 -10.76
C TYR A 288 -13.88 -27.70 -9.97
N TYR A 289 -13.51 -28.63 -9.14
CA TYR A 289 -12.30 -28.58 -8.35
C TYR A 289 -11.49 -29.66 -9.03
N ALA A 290 -10.65 -29.23 -9.97
CA ALA A 290 -9.86 -30.12 -10.82
C ALA A 290 -8.44 -30.40 -10.32
N SER A 291 -8.24 -31.65 -9.92
CA SER A 291 -7.00 -32.24 -9.40
C SER A 291 -7.19 -33.75 -9.46
N SER A 292 -6.12 -34.48 -9.82
CA SER A 292 -6.15 -35.95 -9.89
C SER A 292 -6.32 -36.55 -8.49
N LEU A 293 -5.88 -35.79 -7.47
CA LEU A 293 -5.91 -36.15 -6.05
C LEU A 293 -7.04 -35.48 -5.23
N ALA A 294 -8.00 -34.80 -5.90
CA ALA A 294 -9.12 -34.05 -5.32
C ALA A 294 -9.84 -34.74 -4.12
N LYS A 295 -10.25 -36.03 -4.26
CA LYS A 295 -10.96 -36.74 -3.17
C LYS A 295 -10.06 -36.94 -1.98
N LYS A 296 -8.81 -37.43 -2.19
CA LYS A 296 -7.83 -37.65 -1.13
C LYS A 296 -7.51 -36.34 -0.41
N CYS A 297 -7.24 -35.25 -1.16
CA CYS A 297 -6.94 -33.93 -0.63
C CYS A 297 -8.01 -33.46 0.35
N MET A 298 -9.29 -33.50 -0.05
CA MET A 298 -10.38 -33.10 0.83
C MET A 298 -10.55 -34.04 2.03
N ALA A 299 -10.35 -35.36 1.86
CA ALA A 299 -10.46 -36.29 2.98
C ALA A 299 -9.38 -36.03 4.06
N VAL A 300 -8.12 -35.75 3.65
CA VAL A 300 -6.99 -35.46 4.53
C VAL A 300 -7.25 -34.11 5.23
N TYR A 301 -7.64 -33.08 4.44
CA TYR A 301 -7.97 -31.79 4.98
C TYR A 301 -8.90 -31.90 6.17
N GLN A 302 -10.01 -32.64 6.00
CA GLN A 302 -11.07 -32.83 7.01
C GLN A 302 -10.66 -33.63 8.23
N THR A 303 -9.55 -34.38 8.14
CA THR A 303 -9.00 -35.17 9.24
C THR A 303 -8.46 -34.20 10.34
N TYR A 304 -8.04 -32.96 9.93
CA TYR A 304 -7.42 -31.99 10.85
C TYR A 304 -8.31 -30.82 11.17
N VAL A 305 -9.62 -31.10 11.37
CA VAL A 305 -10.64 -30.13 11.81
C VAL A 305 -10.29 -29.62 13.20
N ASN A 306 -9.60 -30.42 14.03
CA ASN A 306 -9.12 -30.04 15.35
C ASN A 306 -8.13 -28.85 15.33
N ALA A 307 -7.61 -28.51 14.13
CA ALA A 307 -6.62 -27.44 13.97
C ALA A 307 -7.23 -26.19 13.35
N MET A 308 -8.57 -26.17 13.24
CA MET A 308 -9.32 -25.10 12.61
C MET A 308 -9.92 -24.17 13.66
N ASN A 309 -10.61 -23.10 13.21
CA ASN A 309 -11.42 -22.13 13.98
C ASN A 309 -12.33 -22.84 14.97
N ASP A 310 -12.76 -22.10 16.02
CA ASP A 310 -13.75 -22.57 16.97
C ASP A 310 -15.11 -22.66 16.27
N LYS A 311 -15.45 -21.68 15.38
CA LYS A 311 -16.69 -21.67 14.58
C LYS A 311 -16.88 -22.95 13.78
N ILE A 312 -15.93 -23.26 12.89
CA ILE A 312 -16.01 -24.42 12.01
C ILE A 312 -15.84 -25.77 12.80
N ARG A 313 -15.21 -25.74 13.99
CA ARG A 313 -15.05 -26.93 14.83
C ARG A 313 -16.37 -27.36 15.48
N LYS A 314 -17.21 -26.38 15.83
CA LYS A 314 -18.48 -26.66 16.49
C LYS A 314 -19.55 -27.08 15.48
N GLN A 315 -19.52 -26.51 14.28
CA GLN A 315 -20.48 -26.73 13.22
C GLN A 315 -20.22 -27.94 12.32
N ILE A 316 -19.05 -28.58 12.45
CA ILE A 316 -18.66 -29.69 11.60
C ILE A 316 -19.61 -30.91 11.78
N ASN A 317 -20.16 -31.11 12.99
CA ASN A 317 -21.10 -32.21 13.27
C ASN A 317 -22.57 -31.79 13.11
N ILE A 318 -22.82 -30.49 12.74
CA ILE A 318 -24.14 -29.91 12.50
C ILE A 318 -24.40 -29.90 10.97
N ASN A 319 -23.50 -29.24 10.22
CA ASN A 319 -23.48 -29.18 8.76
C ASN A 319 -22.04 -28.91 8.39
N ASN A 320 -21.41 -29.88 7.75
CA ASN A 320 -20.03 -29.85 7.32
C ASN A 320 -19.94 -29.00 6.04
N PRO A 321 -19.27 -27.82 6.07
CA PRO A 321 -19.20 -26.99 4.85
C PRO A 321 -18.21 -27.54 3.81
N PHE A 322 -17.26 -28.40 4.23
CA PHE A 322 -16.29 -29.09 3.36
C PHE A 322 -16.95 -30.17 2.49
N VAL A 323 -18.22 -30.50 2.77
CA VAL A 323 -19.02 -31.42 1.96
C VAL A 323 -19.85 -30.48 1.08
N PHE A 324 -19.27 -30.12 -0.06
CA PHE A 324 -19.80 -29.14 -1.00
C PHE A 324 -21.06 -29.59 -1.70
N LYS A 325 -22.02 -28.68 -1.80
CA LYS A 325 -23.29 -28.91 -2.46
C LYS A 325 -23.26 -28.55 -3.95
N HIS A 326 -22.37 -27.61 -4.35
CA HIS A 326 -22.31 -27.08 -5.72
C HIS A 326 -20.96 -27.26 -6.45
N ILE A 327 -20.04 -28.00 -5.86
CA ILE A 327 -18.74 -28.20 -6.45
C ILE A 327 -18.53 -29.69 -6.73
N SER A 328 -18.07 -30.00 -7.96
CA SER A 328 -17.76 -31.36 -8.40
C SER A 328 -16.26 -31.51 -8.58
N ASN A 329 -15.74 -32.73 -8.33
CA ASN A 329 -14.33 -33.03 -8.56
C ASN A 329 -14.16 -33.29 -10.04
N LEU A 330 -12.94 -33.15 -10.55
CA LEU A 330 -12.58 -33.36 -11.94
C LEU A 330 -11.18 -33.88 -11.94
N LYS A 331 -10.99 -35.10 -12.46
CA LYS A 331 -9.66 -35.77 -12.47
C LYS A 331 -8.70 -35.15 -13.48
N SER A 332 -9.17 -34.90 -14.70
CA SER A 332 -8.33 -34.43 -15.79
C SER A 332 -9.18 -33.75 -16.86
N MET A 333 -8.52 -33.25 -17.91
CA MET A 333 -9.16 -32.64 -19.08
C MET A 333 -10.06 -33.67 -19.81
N ASP A 334 -9.68 -34.98 -19.76
CA ASP A 334 -10.39 -36.09 -20.37
C ASP A 334 -11.76 -36.32 -19.78
N HIS A 335 -11.92 -35.97 -18.49
CA HIS A 335 -13.20 -36.14 -17.78
C HIS A 335 -14.05 -34.88 -17.84
N PHE A 336 -13.64 -33.90 -18.67
CA PHE A 336 -14.27 -32.59 -18.79
C PHE A 336 -15.02 -32.31 -20.10
N ASP A 337 -16.35 -32.08 -20.02
CA ASP A 337 -17.14 -31.64 -21.17
C ASP A 337 -17.14 -30.11 -21.14
N ASP A 338 -16.23 -29.50 -21.90
CA ASP A 338 -16.15 -28.03 -21.93
C ASP A 338 -17.24 -27.43 -22.79
N ILE A 339 -18.49 -27.59 -22.33
CA ILE A 339 -19.71 -27.13 -23.01
C ILE A 339 -20.31 -26.03 -22.14
N GLY A 340 -20.38 -24.82 -22.68
CA GLY A 340 -20.92 -23.64 -21.99
C GLY A 340 -20.14 -23.10 -20.80
N PRO A 341 -20.65 -22.03 -20.10
CA PRO A 341 -19.92 -21.46 -18.94
C PRO A 341 -19.75 -22.40 -17.76
N SER A 342 -18.54 -22.40 -17.21
CA SER A 342 -18.16 -23.16 -16.03
C SER A 342 -17.08 -22.39 -15.28
N VAL A 343 -16.75 -22.86 -14.05
CA VAL A 343 -15.73 -22.31 -13.18
C VAL A 343 -14.85 -23.48 -12.79
N VAL A 344 -13.56 -23.38 -13.09
CA VAL A 344 -12.63 -24.47 -12.81
C VAL A 344 -11.54 -24.00 -11.87
N MET A 345 -11.38 -24.69 -10.74
CA MET A 345 -10.28 -24.47 -9.78
C MET A 345 -9.28 -25.55 -10.10
N ALA A 346 -8.11 -25.20 -10.66
CA ALA A 346 -7.16 -26.23 -11.09
C ALA A 346 -5.73 -25.97 -10.73
N SER A 347 -4.95 -27.02 -10.48
CA SER A 347 -3.52 -26.91 -10.14
C SER A 347 -2.69 -26.69 -11.39
N PRO A 348 -1.53 -26.00 -11.28
CA PRO A 348 -0.97 -25.28 -10.13
C PRO A 348 -1.42 -23.80 -10.11
N GLY A 349 -1.12 -23.09 -9.03
CA GLY A 349 -1.50 -21.69 -8.87
C GLY A 349 -0.80 -20.72 -9.82
N MET A 350 0.48 -20.97 -10.11
CA MET A 350 1.31 -20.07 -10.91
C MET A 350 1.35 -20.42 -12.40
N MET A 351 0.56 -21.46 -12.80
CA MET A 351 0.32 -21.89 -14.19
C MET A 351 1.58 -22.21 -15.01
N GLN A 352 2.58 -22.84 -14.38
CA GLN A 352 3.83 -23.24 -15.02
C GLN A 352 3.67 -24.41 -16.01
N SER A 353 2.77 -25.35 -15.70
CA SER A 353 2.46 -26.56 -16.45
C SER A 353 1.17 -27.14 -15.81
N GLY A 354 0.80 -28.38 -16.10
CA GLY A 354 -0.41 -28.98 -15.53
C GLY A 354 -1.73 -28.44 -16.07
N LEU A 355 -2.84 -28.89 -15.43
CA LEU A 355 -4.21 -28.58 -15.77
C LEU A 355 -4.57 -27.10 -15.91
N SER A 356 -4.11 -26.25 -15.01
CA SER A 356 -4.43 -24.82 -15.08
C SER A 356 -3.79 -24.15 -16.29
N ARG A 357 -2.58 -24.62 -16.69
CA ARG A 357 -1.84 -24.17 -17.88
C ARG A 357 -2.57 -24.66 -19.15
N GLU A 358 -2.96 -25.96 -19.19
CA GLU A 358 -3.75 -26.55 -20.27
C GLU A 358 -5.04 -25.77 -20.53
N LEU A 359 -5.84 -25.48 -19.44
CA LEU A 359 -7.10 -24.74 -19.56
C LEU A 359 -6.91 -23.28 -19.96
N PHE A 360 -5.84 -22.62 -19.45
CA PHE A 360 -5.51 -21.25 -19.82
C PHE A 360 -5.24 -21.18 -21.35
N GLU A 361 -4.40 -22.11 -21.90
CA GLU A 361 -4.09 -22.20 -23.34
C GLU A 361 -5.33 -22.45 -24.23
N SER A 362 -6.35 -23.16 -23.71
CA SER A 362 -7.59 -23.45 -24.43
C SER A 362 -8.57 -22.29 -24.34
N TRP A 363 -8.40 -21.40 -23.33
CA TRP A 363 -9.36 -20.33 -23.07
C TRP A 363 -8.91 -18.86 -23.26
N CYS A 364 -7.58 -18.59 -23.34
CA CYS A 364 -7.02 -17.23 -23.39
C CYS A 364 -7.46 -16.37 -24.58
N THR A 365 -7.74 -16.97 -25.76
CA THR A 365 -8.09 -16.26 -27.00
C THR A 365 -9.52 -15.73 -27.06
N ASP A 366 -10.42 -16.19 -26.17
CA ASP A 366 -11.79 -15.70 -26.13
C ASP A 366 -11.90 -14.62 -25.04
N LYS A 367 -12.29 -13.40 -25.45
CA LYS A 367 -12.41 -12.26 -24.53
C LYS A 367 -13.50 -12.44 -23.42
N ARG A 368 -14.39 -13.44 -23.56
CA ARG A 368 -15.48 -13.69 -22.63
C ARG A 368 -15.01 -14.45 -21.39
N ASN A 369 -13.94 -15.24 -21.55
CA ASN A 369 -13.33 -16.02 -20.50
C ASN A 369 -12.52 -15.12 -19.59
N GLY A 370 -12.20 -15.62 -18.40
CA GLY A 370 -11.43 -14.85 -17.43
C GLY A 370 -10.62 -15.69 -16.47
N VAL A 371 -9.44 -15.19 -16.11
CA VAL A 371 -8.59 -15.86 -15.14
C VAL A 371 -8.56 -15.03 -13.85
N ILE A 372 -8.69 -15.69 -12.67
CA ILE A 372 -8.60 -14.97 -11.38
C ILE A 372 -7.43 -15.55 -10.61
N ILE A 373 -6.42 -14.72 -10.37
CA ILE A 373 -5.20 -15.08 -9.65
C ILE A 373 -5.38 -14.64 -8.18
N ALA A 374 -5.37 -15.60 -7.24
CA ALA A 374 -5.65 -15.41 -5.82
C ALA A 374 -4.44 -15.50 -4.88
N GLY A 375 -3.25 -15.79 -5.42
CA GLY A 375 -2.05 -15.94 -4.61
C GLY A 375 -0.94 -15.00 -4.97
N TYR A 376 0.17 -15.13 -4.23
CA TYR A 376 1.35 -14.31 -4.41
C TYR A 376 2.15 -14.93 -5.57
N CYS A 377 2.15 -14.24 -6.70
CA CYS A 377 2.88 -14.66 -7.89
C CYS A 377 4.31 -14.18 -7.84
N VAL A 378 5.20 -15.14 -8.03
CA VAL A 378 6.66 -15.01 -7.98
C VAL A 378 7.24 -14.81 -9.39
N GLU A 379 8.21 -13.88 -9.52
CA GLU A 379 8.93 -13.62 -10.77
C GLU A 379 9.46 -14.90 -11.40
N GLY A 380 9.21 -15.09 -12.68
CA GLY A 380 9.66 -16.28 -13.41
C GLY A 380 8.55 -17.25 -13.71
N THR A 381 7.29 -16.91 -13.37
CA THR A 381 6.09 -17.73 -13.59
C THR A 381 5.12 -17.07 -14.54
N LEU A 382 4.32 -17.90 -15.25
CA LEU A 382 3.30 -17.44 -16.19
C LEU A 382 2.29 -16.51 -15.48
N ALA A 383 1.82 -16.90 -14.27
CA ALA A 383 0.89 -16.08 -13.48
C ALA A 383 1.43 -14.66 -13.24
N LYS A 384 2.72 -14.52 -12.92
CA LYS A 384 3.36 -13.23 -12.75
C LYS A 384 3.39 -12.49 -14.10
N HIS A 385 3.81 -13.19 -15.19
CA HIS A 385 3.95 -12.66 -16.54
C HIS A 385 2.65 -12.07 -17.08
N ILE A 386 1.54 -12.84 -17.09
CA ILE A 386 0.22 -12.39 -17.62
C ILE A 386 -0.35 -11.09 -16.94
N MET A 387 0.24 -10.65 -15.84
CA MET A 387 -0.24 -9.45 -15.14
C MET A 387 0.45 -8.18 -15.66
N SER A 388 1.50 -8.38 -16.48
CA SER A 388 2.21 -7.30 -17.16
C SER A 388 1.50 -7.00 -18.51
N GLU A 389 0.20 -7.39 -18.61
CA GLU A 389 -0.73 -7.27 -19.74
C GLU A 389 -0.09 -7.57 -21.11
N PRO A 390 0.44 -8.79 -21.37
CA PRO A 390 1.05 -9.05 -22.68
C PRO A 390 0.03 -9.06 -23.80
N GLU A 391 0.53 -8.96 -25.05
CA GLU A 391 -0.26 -8.99 -26.28
C GLU A 391 -0.54 -10.46 -26.58
N GLU A 392 0.48 -11.31 -26.35
CA GLU A 392 0.53 -12.74 -26.59
C GLU A 392 1.28 -13.51 -25.48
N ILE A 393 1.08 -14.84 -25.43
CA ILE A 393 1.72 -15.78 -24.50
C ILE A 393 2.28 -16.94 -25.28
N THR A 394 3.23 -17.67 -24.69
CA THR A 394 3.80 -18.86 -25.32
C THR A 394 3.16 -20.09 -24.71
N THR A 395 2.86 -21.08 -25.53
CA THR A 395 2.31 -22.36 -25.04
C THR A 395 3.45 -23.25 -24.55
N MET A 396 3.10 -24.38 -23.94
CA MET A 396 4.09 -25.36 -23.48
C MET A 396 4.78 -25.98 -24.71
N SER A 397 4.00 -26.20 -25.80
CA SER A 397 4.48 -26.77 -27.07
C SER A 397 5.47 -25.85 -27.77
N GLY A 398 5.45 -24.56 -27.43
CA GLY A 398 6.36 -23.57 -27.97
C GLY A 398 5.68 -22.52 -28.82
N GLN A 399 4.43 -22.79 -29.24
CA GLN A 399 3.61 -21.89 -30.05
C GLN A 399 3.26 -20.56 -29.33
N LYS A 400 2.69 -19.59 -30.08
CA LYS A 400 2.28 -18.27 -29.54
C LYS A 400 0.76 -18.12 -29.72
N LEU A 401 0.08 -17.61 -28.65
CA LEU A 401 -1.37 -17.38 -28.64
C LEU A 401 -1.74 -15.97 -28.16
N PRO A 402 -2.76 -15.32 -28.76
CA PRO A 402 -3.17 -13.99 -28.26
C PRO A 402 -3.92 -14.06 -26.92
N LEU A 403 -3.58 -13.14 -26.00
CA LEU A 403 -4.20 -13.04 -24.70
C LEU A 403 -5.37 -12.08 -24.76
N LYS A 404 -6.59 -12.62 -24.88
CA LYS A 404 -7.83 -11.86 -24.97
C LYS A 404 -8.71 -11.98 -23.69
N MET A 405 -8.63 -13.12 -22.98
CA MET A 405 -9.38 -13.36 -21.76
C MET A 405 -8.98 -12.34 -20.68
N SER A 406 -9.91 -11.96 -19.80
CA SER A 406 -9.61 -11.01 -18.72
C SER A 406 -8.69 -11.68 -17.68
N VAL A 407 -7.83 -10.88 -17.03
CA VAL A 407 -6.90 -11.33 -16.02
C VAL A 407 -7.13 -10.47 -14.78
N ASP A 408 -7.57 -11.09 -13.67
CA ASP A 408 -7.79 -10.36 -12.41
C ASP A 408 -6.97 -10.88 -11.26
N TYR A 409 -6.57 -9.97 -10.37
CA TYR A 409 -5.80 -10.31 -9.19
C TYR A 409 -6.55 -9.90 -7.92
N ILE A 410 -7.07 -10.88 -7.20
CA ILE A 410 -7.80 -10.70 -5.94
C ILE A 410 -7.12 -11.65 -4.96
N SER A 411 -6.19 -11.11 -4.15
CA SER A 411 -5.38 -11.86 -3.19
C SER A 411 -6.14 -12.46 -2.02
N PHE A 412 -5.82 -13.71 -1.72
CA PHE A 412 -6.33 -14.50 -0.63
C PHE A 412 -5.10 -15.20 -0.03
N SER A 413 -3.91 -14.61 -0.18
CA SER A 413 -2.65 -15.21 0.25
C SER A 413 -2.46 -15.29 1.77
N ALA A 414 -3.29 -14.62 2.59
CA ALA A 414 -3.28 -14.70 4.06
C ALA A 414 -1.93 -14.34 4.71
N HIS A 415 -1.40 -13.16 4.37
CA HIS A 415 -0.16 -12.68 4.97
C HIS A 415 -0.52 -11.43 5.74
N THR A 416 0.24 -11.10 6.80
CA THR A 416 -0.01 -9.88 7.59
C THR A 416 0.26 -8.58 6.81
N ASP A 417 -0.59 -7.55 7.01
CA ASP A 417 -0.39 -6.25 6.37
C ASP A 417 0.51 -5.39 7.28
N TYR A 418 0.70 -4.08 6.98
CA TYR A 418 1.54 -3.24 7.84
C TYR A 418 0.97 -3.11 9.26
N GLN A 419 -0.36 -2.91 9.41
CA GLN A 419 -0.96 -2.77 10.72
C GLN A 419 -0.76 -4.03 11.58
N GLN A 420 -0.89 -5.21 10.99
CA GLN A 420 -0.71 -6.46 11.71
C GLN A 420 0.76 -6.73 12.01
N THR A 421 1.72 -6.39 11.08
CA THR A 421 3.16 -6.61 11.33
C THR A 421 3.63 -5.71 12.47
N SER A 422 3.31 -4.40 12.36
CA SER A 422 3.61 -3.36 13.33
C SER A 422 3.08 -3.73 14.72
N GLU A 423 1.78 -4.09 14.83
CA GLU A 423 1.12 -4.54 16.05
C GLU A 423 1.80 -5.78 16.66
N PHE A 424 2.32 -6.69 15.82
CA PHE A 424 2.97 -7.90 16.31
C PHE A 424 4.32 -7.52 16.95
N ILE A 425 5.10 -6.65 16.26
CA ILE A 425 6.40 -6.17 16.70
C ILE A 425 6.23 -5.33 17.98
N ARG A 426 5.21 -4.46 18.02
CA ARG A 426 4.90 -3.60 19.18
C ARG A 426 4.54 -4.38 20.47
N ALA A 427 3.87 -5.54 20.34
CA ALA A 427 3.49 -6.37 21.48
C ALA A 427 4.66 -7.14 22.03
N LEU A 428 5.62 -7.52 21.18
CA LEU A 428 6.74 -8.37 21.57
C LEU A 428 8.02 -7.60 21.90
N LYS A 429 8.17 -6.43 21.24
CA LYS A 429 9.28 -5.49 21.33
C LYS A 429 10.63 -6.22 21.36
N PRO A 430 10.96 -7.01 20.32
CA PRO A 430 12.24 -7.73 20.36
C PRO A 430 13.42 -6.83 20.02
N PRO A 431 14.54 -6.96 20.79
CA PRO A 431 15.74 -6.18 20.46
C PRO A 431 16.13 -6.28 18.97
N HIS A 432 16.00 -7.49 18.38
CA HIS A 432 16.34 -7.71 16.97
C HIS A 432 15.21 -8.29 16.15
N VAL A 433 14.88 -7.60 15.03
CA VAL A 433 13.85 -7.96 14.03
C VAL A 433 14.56 -8.27 12.71
N ILE A 434 14.39 -9.51 12.21
CA ILE A 434 15.01 -9.94 10.95
C ILE A 434 13.95 -10.22 9.92
N LEU A 435 13.99 -9.44 8.86
CA LEU A 435 13.06 -9.52 7.75
C LEU A 435 13.51 -10.55 6.75
N VAL A 436 12.57 -11.43 6.36
CA VAL A 436 12.76 -12.46 5.34
C VAL A 436 11.46 -12.50 4.54
N HIS A 437 11.42 -13.26 3.45
CA HIS A 437 10.23 -13.56 2.66
C HIS A 437 9.48 -12.34 2.14
N GLY A 438 10.12 -11.57 1.28
CA GLY A 438 9.49 -10.39 0.73
C GLY A 438 10.27 -9.85 -0.43
N GLU A 439 9.59 -9.16 -1.36
CA GLU A 439 10.22 -8.49 -2.50
C GLU A 439 11.23 -7.49 -1.90
N GLN A 440 12.43 -7.47 -2.46
CA GLN A 440 13.57 -6.64 -2.06
C GLN A 440 13.22 -5.19 -1.71
N ASN A 441 12.58 -4.46 -2.64
CA ASN A 441 12.25 -3.06 -2.44
C ASN A 441 11.17 -2.82 -1.39
N GLU A 442 10.14 -3.68 -1.32
CA GLU A 442 9.09 -3.54 -0.32
C GLU A 442 9.64 -3.87 1.08
N MET A 443 10.59 -4.82 1.18
CA MET A 443 11.22 -5.16 2.44
C MET A 443 12.03 -3.96 2.99
N ALA A 444 12.71 -3.21 2.10
CA ALA A 444 13.46 -1.97 2.42
C ALA A 444 12.52 -0.89 2.99
N ARG A 445 11.38 -0.71 2.35
CA ARG A 445 10.32 0.22 2.74
C ARG A 445 9.76 -0.16 4.12
N LEU A 446 9.52 -1.48 4.36
CA LEU A 446 9.01 -2.00 5.62
C LEU A 446 9.98 -1.73 6.74
N LYS A 447 11.28 -2.02 6.51
CA LYS A 447 12.39 -1.76 7.43
C LYS A 447 12.39 -0.28 7.80
N ALA A 448 12.41 0.63 6.79
CA ALA A 448 12.39 2.08 7.03
C ALA A 448 11.24 2.52 7.93
N ALA A 449 10.01 2.04 7.67
CA ALA A 449 8.82 2.37 8.47
C ALA A 449 8.93 1.87 9.91
N LEU A 450 9.51 0.66 10.11
CA LEU A 450 9.68 0.10 11.46
C LEU A 450 10.72 0.92 12.26
N ILE A 451 11.77 1.42 11.57
CA ILE A 451 12.83 2.24 12.15
C ILE A 451 12.23 3.58 12.59
N ARG A 452 11.44 4.22 11.71
CA ARG A 452 10.73 5.48 12.01
C ARG A 452 9.82 5.36 13.21
N GLU A 453 9.17 4.21 13.39
CA GLU A 453 8.23 3.95 14.48
C GLU A 453 8.88 4.00 15.86
N TYR A 454 10.19 3.70 15.93
CA TYR A 454 10.95 3.64 17.18
C TYR A 454 12.09 4.66 17.28
N GLU A 455 12.25 5.51 16.25
CA GLU A 455 13.27 6.57 16.16
C GLU A 455 13.19 7.55 17.36
N ASP A 456 11.99 8.10 17.63
CA ASP A 456 11.79 9.07 18.70
C ASP A 456 11.44 8.45 20.05
N ASN A 457 11.31 7.10 20.12
CA ASN A 457 11.03 6.39 21.36
C ASN A 457 12.33 6.17 22.16
N ASP A 458 12.39 6.72 23.38
CA ASP A 458 13.54 6.61 24.27
C ASP A 458 13.56 5.32 25.08
N GLU A 459 12.39 4.88 25.55
CA GLU A 459 12.26 3.68 26.37
C GLU A 459 12.41 2.35 25.58
N VAL A 460 12.09 2.36 24.26
CA VAL A 460 12.15 1.15 23.40
C VAL A 460 13.31 1.23 22.39
N HIS A 461 14.07 0.12 22.25
CA HIS A 461 15.20 0.02 21.31
C HIS A 461 15.10 -1.29 20.48
N ILE A 462 14.93 -1.14 19.16
CA ILE A 462 14.76 -2.25 18.21
C ILE A 462 15.67 -2.02 16.99
N GLU A 463 16.43 -3.06 16.63
CA GLU A 463 17.32 -3.10 15.48
C GLU A 463 16.67 -4.02 14.43
N VAL A 464 16.46 -3.48 13.24
CA VAL A 464 15.82 -4.16 12.11
C VAL A 464 16.88 -4.47 11.07
N HIS A 465 16.90 -5.72 10.62
CA HIS A 465 17.84 -6.21 9.63
C HIS A 465 17.05 -6.78 8.44
N ASN A 466 17.64 -6.73 7.24
CA ASN A 466 17.05 -7.28 6.01
C ASN A 466 18.14 -7.95 5.18
N PRO A 467 18.64 -9.15 5.59
CA PRO A 467 19.79 -9.73 4.88
C PRO A 467 19.49 -10.33 3.53
N ARG A 468 20.47 -10.28 2.63
CA ARG A 468 20.40 -10.88 1.29
C ARG A 468 20.66 -12.37 1.47
N ASN A 469 20.37 -13.17 0.44
CA ASN A 469 20.72 -14.59 0.50
C ASN A 469 22.25 -14.69 0.68
N THR A 470 22.74 -15.61 1.55
CA THR A 470 24.17 -15.87 1.89
C THR A 470 24.80 -14.84 2.90
N GLU A 471 24.15 -13.69 3.15
CA GLU A 471 24.61 -12.65 4.08
C GLU A 471 24.30 -13.14 5.50
N ALA A 472 25.09 -12.74 6.49
CA ALA A 472 24.83 -13.20 7.85
C ALA A 472 24.59 -12.06 8.80
N VAL A 473 23.69 -12.30 9.76
CA VAL A 473 23.38 -11.38 10.84
C VAL A 473 24.08 -12.00 12.05
N THR A 474 25.03 -11.24 12.63
CA THR A 474 25.86 -11.65 13.77
C THR A 474 25.47 -10.86 15.00
N LEU A 475 25.12 -11.55 16.08
CA LEU A 475 24.69 -10.89 17.31
C LEU A 475 25.45 -11.44 18.50
N ASN A 476 25.84 -10.58 19.45
CA ASN A 476 26.57 -11.02 20.64
C ASN A 476 25.68 -11.04 21.86
N PHE A 477 25.67 -12.19 22.53
CA PHE A 477 24.84 -12.41 23.70
C PHE A 477 25.63 -12.67 24.95
N ARG A 478 25.29 -11.92 26.03
CA ARG A 478 25.86 -12.00 27.39
C ARG A 478 27.31 -11.51 27.44
N GLU B 26 -32.40 27.31 24.17
CA GLU B 26 -32.71 25.94 23.74
C GLU B 26 -31.55 25.35 22.92
N GLU B 27 -30.61 24.63 23.60
CA GLU B 27 -29.45 24.01 22.93
C GLU B 27 -29.29 22.51 23.19
N SER B 28 -29.14 21.76 22.08
CA SER B 28 -29.01 20.30 22.08
C SER B 28 -27.57 19.81 22.22
N ASP B 29 -27.44 18.53 22.57
CA ASP B 29 -26.18 17.80 22.77
C ASP B 29 -25.61 17.26 21.44
N GLN B 30 -26.39 17.44 20.37
CA GLN B 30 -26.14 17.02 19.01
C GLN B 30 -25.07 17.84 18.25
N LEU B 31 -23.94 17.18 17.93
CA LEU B 31 -22.84 17.67 17.11
C LEU B 31 -23.00 17.05 15.71
N LEU B 32 -22.91 17.88 14.68
CA LEU B 32 -23.11 17.46 13.31
C LEU B 32 -21.93 17.84 12.40
N ILE B 33 -21.30 16.83 11.77
CA ILE B 33 -20.17 17.01 10.83
C ILE B 33 -20.62 16.57 9.45
N ARG B 34 -20.53 17.47 8.45
CA ARG B 34 -20.95 17.17 7.09
C ARG B 34 -19.96 17.63 6.00
N PRO B 35 -19.35 16.70 5.22
CA PRO B 35 -18.51 17.15 4.09
C PRO B 35 -19.40 17.60 2.93
N LEU B 36 -19.01 18.70 2.32
CA LEU B 36 -19.65 19.30 1.15
C LEU B 36 -18.68 19.00 -0.05
N GLY B 37 -17.44 18.69 0.29
CA GLY B 37 -16.34 18.33 -0.60
C GLY B 37 -15.34 17.51 0.17
N ALA B 38 -14.57 16.66 -0.52
CA ALA B 38 -13.55 15.77 0.04
C ALA B 38 -14.12 14.58 0.88
N GLY B 39 -15.43 14.34 0.77
CA GLY B 39 -16.07 13.21 1.42
C GLY B 39 -15.95 12.00 0.51
N GLN B 40 -15.08 11.02 0.90
CA GLN B 40 -14.78 9.80 0.13
C GLN B 40 -14.20 10.14 -1.24
N GLU B 41 -13.35 11.20 -1.29
CA GLU B 41 -12.69 11.69 -2.50
C GLU B 41 -11.55 12.66 -2.09
N VAL B 42 -10.68 13.01 -3.05
CA VAL B 42 -9.67 14.06 -2.89
C VAL B 42 -10.17 15.15 -3.83
N GLY B 43 -10.26 16.38 -3.31
CA GLY B 43 -10.71 17.51 -4.11
C GLY B 43 -11.75 18.28 -3.34
N ARG B 44 -11.84 19.60 -3.63
CA ARG B 44 -12.78 20.59 -3.08
C ARG B 44 -13.06 20.45 -1.59
N SER B 45 -12.00 20.39 -0.77
CA SER B 45 -12.16 20.31 0.68
C SER B 45 -13.08 21.41 1.23
N CYS B 46 -14.14 20.99 1.94
CA CYS B 46 -15.16 21.87 2.52
C CYS B 46 -16.01 21.09 3.49
N ILE B 47 -15.75 21.25 4.79
CA ILE B 47 -16.46 20.51 5.83
C ILE B 47 -17.21 21.46 6.73
N ILE B 48 -18.48 21.14 7.02
CA ILE B 48 -19.36 21.91 7.90
C ILE B 48 -19.42 21.26 9.26
N LEU B 49 -19.27 22.09 10.28
CA LEU B 49 -19.38 21.70 11.66
C LEU B 49 -20.54 22.52 12.30
N GLU B 50 -21.60 21.81 12.75
CA GLU B 50 -22.79 22.39 13.40
C GLU B 50 -22.85 21.91 14.86
N PHE B 51 -22.84 22.89 15.79
CA PHE B 51 -22.91 22.61 17.24
C PHE B 51 -23.37 23.80 18.05
N LYS B 52 -24.33 23.53 18.98
CA LYS B 52 -24.96 24.49 19.92
C LYS B 52 -25.20 25.89 19.32
N GLY B 53 -25.82 25.91 18.14
CA GLY B 53 -26.15 27.12 17.40
C GLY B 53 -25.02 27.75 16.61
N ARG B 54 -23.80 27.19 16.67
CA ARG B 54 -22.64 27.71 15.93
C ARG B 54 -22.39 26.86 14.68
N LYS B 55 -22.04 27.54 13.58
CA LYS B 55 -21.77 26.91 12.28
C LYS B 55 -20.39 27.29 11.73
N ILE B 56 -19.51 26.28 11.59
CA ILE B 56 -18.14 26.48 11.08
C ILE B 56 -17.92 25.79 9.72
N MET B 57 -17.09 26.42 8.88
CA MET B 57 -16.65 25.84 7.63
C MET B 57 -15.12 25.62 7.60
N LEU B 58 -14.71 24.36 7.37
CA LEU B 58 -13.31 23.96 7.30
C LEU B 58 -12.92 23.79 5.85
N ASP B 59 -12.12 24.75 5.35
CA ASP B 59 -11.63 24.86 3.97
C ASP B 59 -12.73 25.21 2.97
N CYS B 60 -12.34 25.62 1.75
CA CYS B 60 -13.27 26.03 0.69
C CYS B 60 -12.56 25.90 -0.66
N GLY B 61 -12.33 24.67 -1.08
CA GLY B 61 -11.58 24.40 -2.30
C GLY B 61 -12.34 23.97 -3.52
N ILE B 62 -11.60 23.78 -4.61
CA ILE B 62 -12.13 23.31 -5.90
C ILE B 62 -11.64 21.91 -6.24
N HIS B 63 -12.42 21.22 -7.10
CA HIS B 63 -12.07 19.90 -7.58
C HIS B 63 -11.28 20.11 -8.86
N PRO B 64 -9.98 19.72 -8.90
CA PRO B 64 -9.18 19.91 -10.13
C PRO B 64 -9.61 19.04 -11.33
N GLY B 65 -10.31 17.94 -11.05
CA GLY B 65 -10.78 17.00 -12.06
C GLY B 65 -12.17 17.27 -12.61
N LEU B 66 -12.81 18.39 -12.16
CA LEU B 66 -14.15 18.75 -12.59
C LEU B 66 -14.21 20.14 -13.19
N GLU B 67 -15.33 20.48 -13.85
CA GLU B 67 -15.46 21.74 -14.60
C GLU B 67 -16.55 22.68 -14.09
N GLY B 68 -16.27 23.98 -14.17
CA GLY B 68 -17.17 25.06 -13.79
C GLY B 68 -17.82 24.92 -12.43
N MET B 69 -19.15 25.16 -12.38
CA MET B 69 -19.95 25.07 -11.16
C MET B 69 -19.91 23.67 -10.50
N ASP B 70 -19.64 22.61 -11.29
CA ASP B 70 -19.54 21.23 -10.78
C ASP B 70 -18.33 20.95 -9.90
N ALA B 71 -17.24 21.74 -10.05
CA ALA B 71 -15.99 21.55 -9.31
C ALA B 71 -16.03 22.10 -7.86
N LEU B 72 -17.09 22.83 -7.55
CA LEU B 72 -17.30 23.43 -6.24
C LEU B 72 -17.85 22.40 -5.27
N PRO B 73 -17.77 22.64 -3.93
CA PRO B 73 -18.49 21.76 -2.99
C PRO B 73 -20.03 21.93 -3.11
N TYR B 74 -20.80 21.02 -2.49
CA TYR B 74 -22.27 21.06 -2.46
C TYR B 74 -22.77 22.15 -1.47
N ILE B 75 -22.37 23.41 -1.72
CA ILE B 75 -22.68 24.59 -0.90
C ILE B 75 -24.18 24.92 -0.86
N ASP B 76 -24.96 24.48 -1.86
CA ASP B 76 -26.40 24.71 -1.93
C ASP B 76 -27.16 23.98 -0.82
N LEU B 77 -26.46 23.11 -0.05
CA LEU B 77 -27.04 22.35 1.06
C LEU B 77 -26.98 23.12 2.37
N ILE B 78 -26.30 24.28 2.37
CA ILE B 78 -26.16 25.20 3.51
C ILE B 78 -26.59 26.60 3.10
N ASP B 79 -26.64 27.52 4.07
CA ASP B 79 -26.94 28.94 3.83
C ASP B 79 -25.65 29.69 4.16
N PRO B 80 -24.92 30.20 3.15
CA PRO B 80 -23.65 30.93 3.42
C PRO B 80 -23.75 32.01 4.50
N ALA B 81 -24.93 32.69 4.58
CA ALA B 81 -25.22 33.74 5.56
C ALA B 81 -25.33 33.21 7.00
N GLU B 82 -25.61 31.90 7.16
CA GLU B 82 -25.69 31.26 8.48
C GLU B 82 -24.30 30.74 9.02
N ILE B 83 -23.20 30.88 8.23
CA ILE B 83 -21.82 30.47 8.55
C ILE B 83 -21.11 31.56 9.37
N ASP B 84 -20.83 31.25 10.66
CA ASP B 84 -20.15 32.13 11.62
C ASP B 84 -18.66 32.23 11.36
N LEU B 85 -17.95 31.07 11.26
CA LEU B 85 -16.49 30.97 11.09
C LEU B 85 -16.08 30.13 9.88
N LEU B 86 -15.04 30.56 9.20
CA LEU B 86 -14.45 29.83 8.09
C LEU B 86 -12.95 29.74 8.34
N LEU B 87 -12.44 28.51 8.47
CA LEU B 87 -11.02 28.27 8.71
C LEU B 87 -10.35 27.60 7.52
N ILE B 88 -9.26 28.19 7.02
CA ILE B 88 -8.51 27.65 5.88
C ILE B 88 -7.20 27.06 6.39
N SER B 89 -7.02 25.74 6.18
CA SER B 89 -5.82 24.99 6.59
C SER B 89 -4.57 25.43 5.89
N HIS B 90 -4.58 25.53 4.55
CA HIS B 90 -3.39 25.86 3.74
C HIS B 90 -3.71 26.37 2.37
N PHE B 91 -2.70 26.89 1.70
CA PHE B 91 -2.81 27.58 0.42
C PHE B 91 -3.15 26.72 -0.80
N HIS B 92 -3.14 25.37 -0.70
CA HIS B 92 -3.45 24.52 -1.86
C HIS B 92 -4.88 24.75 -2.40
N LEU B 93 -5.00 24.71 -3.76
CA LEU B 93 -6.21 24.98 -4.53
C LEU B 93 -7.40 24.10 -4.20
N ASP B 94 -7.17 22.83 -3.80
CA ASP B 94 -8.28 21.97 -3.39
C ASP B 94 -8.72 22.25 -1.96
N HIS B 95 -8.27 23.38 -1.35
CA HIS B 95 -8.59 23.77 0.02
C HIS B 95 -8.98 25.21 0.12
N CYS B 96 -8.63 26.03 -0.91
CA CYS B 96 -8.93 27.47 -0.92
C CYS B 96 -9.20 28.02 -2.35
N GLY B 97 -9.27 27.16 -3.35
CA GLY B 97 -9.45 27.58 -4.74
C GLY B 97 -10.79 28.19 -5.03
N ALA B 98 -11.83 27.83 -4.25
CA ALA B 98 -13.20 28.31 -4.38
C ALA B 98 -13.47 29.48 -3.44
N LEU B 99 -12.44 29.91 -2.67
CA LEU B 99 -12.60 30.97 -1.68
C LEU B 99 -12.96 32.37 -2.28
N PRO B 100 -12.32 32.90 -3.35
CA PRO B 100 -12.72 34.24 -3.85
C PRO B 100 -14.18 34.31 -4.30
N TRP B 101 -14.74 33.17 -4.75
CA TRP B 101 -16.13 33.06 -5.15
C TRP B 101 -17.02 32.99 -3.91
N PHE B 102 -16.63 32.22 -2.88
CA PHE B 102 -17.43 32.10 -1.67
C PHE B 102 -17.50 33.41 -0.91
N LEU B 103 -16.39 34.14 -0.87
CA LEU B 103 -16.32 35.42 -0.17
C LEU B 103 -17.01 36.55 -0.92
N GLN B 104 -16.83 36.62 -2.26
CA GLN B 104 -17.32 37.75 -3.06
C GLN B 104 -18.63 37.54 -3.77
N LYS B 105 -18.92 36.31 -4.22
CA LYS B 105 -20.12 36.01 -5.01
C LYS B 105 -21.23 35.29 -4.19
N THR B 106 -21.07 35.19 -2.85
CA THR B 106 -22.12 34.58 -2.01
C THR B 106 -22.52 35.50 -0.85
N SER B 107 -23.63 35.11 -0.20
CA SER B 107 -24.25 35.80 0.94
C SER B 107 -23.53 35.62 2.28
N PHE B 108 -22.32 35.05 2.24
CA PHE B 108 -21.53 34.84 3.43
C PHE B 108 -21.00 36.16 3.96
N LYS B 109 -21.13 36.36 5.27
CA LYS B 109 -20.69 37.58 5.95
C LYS B 109 -19.87 37.31 7.25
N GLY B 110 -19.65 36.03 7.58
CA GLY B 110 -18.87 35.59 8.74
C GLY B 110 -17.39 35.93 8.65
N ARG B 111 -16.57 35.37 9.57
CA ARG B 111 -15.13 35.69 9.57
C ARG B 111 -14.29 34.56 9.00
N THR B 112 -13.16 34.91 8.37
CA THR B 112 -12.25 33.98 7.71
C THR B 112 -10.82 34.10 8.23
N PHE B 113 -10.21 32.96 8.63
CA PHE B 113 -8.84 32.95 9.14
C PHE B 113 -7.91 31.99 8.39
N MET B 114 -6.65 32.42 8.29
CA MET B 114 -5.52 31.74 7.64
C MET B 114 -4.27 32.08 8.46
N THR B 115 -3.17 31.32 8.27
CA THR B 115 -1.91 31.72 8.88
C THR B 115 -1.35 32.85 8.00
N HIS B 116 -0.34 33.57 8.49
CA HIS B 116 0.29 34.67 7.75
C HIS B 116 0.86 34.23 6.40
N ALA B 117 1.54 33.07 6.36
CA ALA B 117 2.15 32.53 5.12
C ALA B 117 1.07 32.11 4.13
N THR B 118 -0.02 31.49 4.64
CA THR B 118 -1.13 31.03 3.83
C THR B 118 -1.74 32.17 3.10
N LYS B 119 -1.98 33.34 3.79
CA LYS B 119 -2.56 34.51 3.14
C LYS B 119 -1.64 35.09 2.06
N ALA B 120 -0.34 35.23 2.38
CA ALA B 120 0.64 35.77 1.44
C ALA B 120 0.81 34.92 0.19
N ILE B 121 0.83 33.58 0.32
CA ILE B 121 1.01 32.66 -0.82
C ILE B 121 -0.29 32.50 -1.59
N TYR B 122 -1.44 32.54 -0.88
CA TYR B 122 -2.81 32.46 -1.42
C TYR B 122 -3.01 33.41 -2.61
N ARG B 123 -2.68 34.71 -2.40
CA ARG B 123 -2.72 35.83 -3.36
C ARG B 123 -2.01 35.55 -4.68
N TRP B 124 -0.83 34.89 -4.63
CA TRP B 124 -0.05 34.62 -5.83
C TRP B 124 -0.31 33.25 -6.46
N LEU B 125 -0.69 32.22 -5.66
CA LEU B 125 -1.02 30.91 -6.23
C LEU B 125 -2.32 31.04 -7.02
N LEU B 126 -3.34 31.66 -6.41
CA LEU B 126 -4.66 31.81 -7.01
C LEU B 126 -4.63 32.65 -8.29
N SER B 127 -3.66 33.58 -8.43
CA SER B 127 -3.51 34.39 -9.63
C SER B 127 -2.97 33.52 -10.77
N ASP B 128 -2.00 32.65 -10.48
CA ASP B 128 -1.42 31.68 -11.42
C ASP B 128 -2.50 30.66 -11.81
N TYR B 129 -3.47 30.45 -10.92
CA TYR B 129 -4.61 29.59 -11.18
C TYR B 129 -5.59 30.25 -12.16
N VAL B 130 -5.94 31.56 -11.96
CA VAL B 130 -6.84 32.30 -12.86
C VAL B 130 -6.21 32.42 -14.28
N LYS B 131 -4.88 32.59 -14.37
CA LYS B 131 -4.22 32.62 -15.67
C LYS B 131 -4.36 31.26 -16.38
N VAL B 132 -3.88 30.16 -15.77
CA VAL B 132 -3.93 28.76 -16.23
C VAL B 132 -5.31 28.33 -16.78
N SER B 133 -6.43 28.73 -16.12
CA SER B 133 -7.82 28.40 -16.51
C SER B 133 -8.18 29.06 -17.86
N ASN B 134 -7.64 28.48 -18.96
CA ASN B 134 -7.70 28.96 -20.35
C ASN B 134 -9.08 28.80 -21.03
N ILE B 135 -10.13 28.48 -20.24
CA ILE B 135 -11.54 28.53 -20.66
C ILE B 135 -12.00 29.86 -19.98
N SER B 136 -11.17 30.92 -20.18
CA SER B 136 -11.27 32.27 -19.64
C SER B 136 -12.33 33.12 -20.37
N ALA B 137 -13.59 33.01 -19.90
CA ALA B 137 -14.75 33.73 -20.42
C ALA B 137 -15.86 33.40 -19.39
N ASP B 138 -17.14 33.65 -19.73
CA ASP B 138 -18.30 33.35 -18.88
C ASP B 138 -18.20 32.11 -17.96
N ASP B 139 -17.47 31.05 -18.42
CA ASP B 139 -17.25 29.78 -17.70
C ASP B 139 -16.45 29.96 -16.40
N MET B 140 -15.63 31.03 -16.33
CA MET B 140 -14.79 31.37 -15.17
C MET B 140 -15.59 31.68 -13.92
N LEU B 141 -15.20 31.06 -12.79
CA LEU B 141 -15.86 31.21 -11.50
C LEU B 141 -15.64 32.57 -10.86
N TYR B 142 -14.45 33.14 -11.02
CA TYR B 142 -14.07 34.46 -10.52
C TYR B 142 -12.87 35.00 -11.29
N THR B 143 -12.62 36.31 -11.14
CA THR B 143 -11.50 37.00 -11.80
C THR B 143 -10.41 37.34 -10.79
N GLU B 144 -9.24 37.81 -11.30
CA GLU B 144 -8.09 38.24 -10.51
C GLU B 144 -8.49 39.44 -9.61
N THR B 145 -9.53 40.19 -10.04
CA THR B 145 -10.08 41.34 -9.32
C THR B 145 -10.85 40.88 -8.08
N ASP B 146 -11.60 39.76 -8.19
CA ASP B 146 -12.35 39.19 -7.06
C ASP B 146 -11.38 38.71 -5.97
N LEU B 147 -10.23 38.14 -6.42
CA LEU B 147 -9.13 37.63 -5.60
C LEU B 147 -8.46 38.74 -4.77
N GLU B 148 -8.19 39.92 -5.39
CA GLU B 148 -7.61 41.10 -4.73
C GLU B 148 -8.56 41.68 -3.69
N GLU B 149 -9.85 41.77 -4.06
CA GLU B 149 -10.96 42.28 -3.23
C GLU B 149 -11.16 41.41 -1.99
N SER B 150 -11.05 40.07 -2.14
CA SER B 150 -11.24 39.07 -1.08
C SER B 150 -10.23 39.19 0.06
N MET B 151 -8.98 39.57 -0.25
CA MET B 151 -7.88 39.74 0.71
C MET B 151 -8.28 40.48 1.99
N ASP B 152 -9.05 41.58 1.87
CA ASP B 152 -9.48 42.39 3.02
C ASP B 152 -10.46 41.67 3.95
N LYS B 153 -11.18 40.65 3.44
CA LYS B 153 -12.13 39.87 4.23
C LYS B 153 -11.41 38.81 5.09
N ILE B 154 -10.17 38.43 4.72
CA ILE B 154 -9.38 37.41 5.41
C ILE B 154 -8.53 37.97 6.58
N GLU B 155 -8.77 37.44 7.78
CA GLU B 155 -7.99 37.78 8.96
C GLU B 155 -6.84 36.75 9.04
N THR B 156 -5.76 37.13 9.72
CA THR B 156 -4.60 36.27 9.91
C THR B 156 -4.50 35.87 11.35
N ILE B 157 -3.89 34.72 11.59
CA ILE B 157 -3.70 34.16 12.92
C ILE B 157 -2.27 33.61 13.01
N ASN B 158 -1.66 33.81 14.18
CA ASN B 158 -0.33 33.28 14.47
C ASN B 158 -0.57 31.88 14.98
N PHE B 159 0.44 31.04 14.87
CA PHE B 159 0.33 29.68 15.40
C PHE B 159 0.35 29.77 16.91
N HIS B 160 -0.38 28.84 17.54
CA HIS B 160 -0.46 28.64 18.99
C HIS B 160 -1.14 29.76 19.79
N GLU B 161 -1.84 30.67 19.11
CA GLU B 161 -2.55 31.77 19.76
C GLU B 161 -4.07 31.52 19.70
N VAL B 162 -4.73 31.52 20.88
CA VAL B 162 -6.17 31.30 21.02
C VAL B 162 -6.97 32.53 20.63
N LYS B 163 -7.84 32.37 19.62
CA LYS B 163 -8.75 33.40 19.12
C LYS B 163 -10.17 32.96 19.41
N GLU B 164 -11.12 33.93 19.51
CA GLU B 164 -12.51 33.65 19.81
C GLU B 164 -13.47 34.47 18.98
N VAL B 165 -14.43 33.79 18.34
CA VAL B 165 -15.43 34.37 17.45
C VAL B 165 -16.75 33.65 17.73
N ALA B 166 -17.83 34.40 18.06
CA ALA B 166 -19.19 33.87 18.34
C ALA B 166 -19.18 32.65 19.27
N GLY B 167 -18.38 32.74 20.33
CA GLY B 167 -18.27 31.68 21.32
C GLY B 167 -17.70 30.38 20.78
N ILE B 168 -16.82 30.50 19.75
CA ILE B 168 -16.05 29.39 19.18
C ILE B 168 -14.62 29.79 19.51
N LYS B 169 -13.90 28.93 20.20
CA LYS B 169 -12.47 29.17 20.46
C LYS B 169 -11.70 28.36 19.40
N PHE B 170 -10.63 28.93 18.88
CA PHE B 170 -9.83 28.24 17.89
C PHE B 170 -8.35 28.65 17.93
N TRP B 171 -7.47 27.68 17.58
CA TRP B 171 -6.02 27.81 17.53
C TRP B 171 -5.44 26.83 16.54
N CYS B 172 -4.19 27.02 16.10
CA CYS B 172 -3.61 26.12 15.11
C CYS B 172 -2.17 25.69 15.44
N TYR B 173 -1.81 24.47 15.00
CA TYR B 173 -0.49 23.83 15.11
C TYR B 173 0.12 23.70 13.73
N HIS B 174 1.45 23.52 13.66
CA HIS B 174 2.14 23.29 12.40
C HIS B 174 1.64 21.98 11.80
N ALA B 175 1.52 21.94 10.48
CA ALA B 175 1.05 20.77 9.77
C ALA B 175 2.12 20.19 8.86
N GLY B 176 3.23 20.91 8.67
CA GLY B 176 4.23 20.50 7.69
C GLY B 176 3.59 20.68 6.33
N HIS B 177 3.81 19.73 5.40
CA HIS B 177 3.15 19.65 4.09
C HIS B 177 3.52 20.81 3.13
N VAL B 178 3.12 22.07 3.42
CA VAL B 178 3.44 23.29 2.63
C VAL B 178 3.73 24.42 3.62
N LEU B 179 4.39 25.50 3.15
CA LEU B 179 4.68 26.67 3.99
C LEU B 179 3.36 27.23 4.52
N GLY B 180 3.30 27.47 5.83
CA GLY B 180 2.11 27.99 6.51
C GLY B 180 0.98 27.03 6.81
N ALA B 181 1.08 25.73 6.43
CA ALA B 181 -0.02 24.76 6.68
C ALA B 181 -0.31 24.62 8.17
N ALA B 182 -1.60 24.73 8.52
CA ALA B 182 -2.08 24.67 9.89
C ALA B 182 -3.00 23.47 10.15
N MET B 183 -3.06 23.05 11.42
CA MET B 183 -3.99 22.05 11.90
C MET B 183 -4.81 22.83 12.96
N PHE B 184 -6.05 23.21 12.62
CA PHE B 184 -6.88 23.96 13.56
C PHE B 184 -7.56 23.11 14.60
N MET B 185 -7.48 23.57 15.85
CA MET B 185 -8.21 23.02 17.00
C MET B 185 -9.35 24.03 17.28
N ILE B 186 -10.60 23.52 17.31
CA ILE B 186 -11.85 24.24 17.58
C ILE B 186 -12.40 23.76 18.91
N GLU B 187 -12.84 24.71 19.77
CA GLU B 187 -13.49 24.42 21.04
C GLU B 187 -14.83 25.15 21.14
N ILE B 188 -15.87 24.41 21.50
CA ILE B 188 -17.24 24.90 21.69
C ILE B 188 -17.84 24.08 22.82
N ALA B 189 -18.30 24.76 23.90
CA ALA B 189 -18.98 24.21 25.07
C ALA B 189 -18.28 23.01 25.68
N GLY B 190 -16.95 23.07 25.75
CA GLY B 190 -16.14 22.00 26.29
C GLY B 190 -15.70 20.94 25.28
N VAL B 191 -16.36 20.90 24.07
CA VAL B 191 -16.04 19.91 23.03
C VAL B 191 -14.88 20.41 22.18
N LYS B 192 -13.83 19.58 22.09
CA LYS B 192 -12.63 19.89 21.30
C LYS B 192 -12.59 19.07 20.01
N LEU B 193 -12.46 19.76 18.87
CA LEU B 193 -12.32 19.10 17.57
C LEU B 193 -11.03 19.55 16.88
N LEU B 194 -10.19 18.57 16.42
CA LEU B 194 -8.97 18.86 15.65
C LEU B 194 -9.14 18.45 14.18
N TYR B 195 -8.85 19.39 13.28
CA TYR B 195 -8.88 19.22 11.85
C TYR B 195 -7.45 19.33 11.29
N THR B 196 -6.91 18.23 10.72
CA THR B 196 -5.53 18.20 10.22
C THR B 196 -5.26 19.04 8.98
N GLY B 197 -6.26 19.21 8.12
CA GLY B 197 -6.08 19.78 6.80
C GLY B 197 -5.26 18.70 6.12
N ASP B 198 -4.15 19.06 5.48
CA ASP B 198 -3.18 18.13 4.94
C ASP B 198 -1.94 18.29 5.76
N PHE B 199 -1.38 17.17 6.22
CA PHE B 199 -0.22 17.22 7.09
C PHE B 199 0.81 16.12 6.77
N SER B 200 2.05 16.29 7.28
CA SER B 200 3.12 15.32 7.09
C SER B 200 3.83 15.24 8.40
N ARG B 201 4.15 14.04 8.84
CA ARG B 201 4.82 13.82 10.11
C ARG B 201 6.35 13.60 9.98
N GLN B 202 6.95 14.17 8.91
CA GLN B 202 8.38 14.11 8.67
C GLN B 202 8.88 15.46 8.18
N GLU B 203 10.08 15.85 8.61
CA GLU B 203 10.69 17.06 8.12
C GLU B 203 11.22 16.80 6.70
N ASP B 204 11.09 17.79 5.80
CA ASP B 204 11.71 17.64 4.48
C ASP B 204 12.90 18.60 4.50
N ARG B 205 13.41 19.07 3.35
CA ARG B 205 14.57 19.95 3.33
C ARG B 205 14.35 21.34 3.92
N HIS B 206 13.10 21.83 4.01
CA HIS B 206 12.88 23.16 4.56
C HIS B 206 11.73 23.27 5.58
N LEU B 207 10.79 22.34 5.52
CA LEU B 207 9.64 22.37 6.38
C LEU B 207 9.73 21.47 7.60
N MET B 208 9.04 21.89 8.65
CA MET B 208 8.89 21.21 9.91
C MET B 208 7.91 20.06 9.82
N ALA B 209 8.04 19.06 10.72
CA ALA B 209 7.06 17.97 10.79
C ALA B 209 5.77 18.51 11.45
N ALA B 210 4.64 17.86 11.21
CA ALA B 210 3.43 18.25 11.92
C ALA B 210 3.63 17.97 13.42
N GLU B 211 3.10 18.84 14.26
CA GLU B 211 3.15 18.71 15.71
C GLU B 211 2.10 17.70 16.16
N ILE B 212 2.23 17.23 17.39
CA ILE B 212 1.24 16.36 18.00
C ILE B 212 0.75 17.16 19.21
N PRO B 213 -0.49 17.69 19.17
CA PRO B 213 -1.00 18.47 20.33
C PRO B 213 -0.92 17.76 21.70
N ASN B 214 -0.66 18.52 22.78
CA ASN B 214 -0.69 17.95 24.12
C ASN B 214 -2.17 17.88 24.52
N ILE B 215 -2.98 18.84 24.06
CA ILE B 215 -4.42 18.88 24.29
C ILE B 215 -5.06 17.76 23.44
N LYS B 216 -5.77 16.84 24.10
CA LYS B 216 -6.41 15.75 23.40
C LYS B 216 -7.82 16.13 22.85
N PRO B 217 -8.07 15.96 21.52
CA PRO B 217 -9.40 16.30 20.99
C PRO B 217 -10.45 15.19 21.27
N ASP B 218 -11.74 15.56 21.23
CA ASP B 218 -12.85 14.62 21.41
C ASP B 218 -13.17 14.00 20.02
N ILE B 219 -12.97 14.81 18.97
CA ILE B 219 -13.18 14.48 17.57
C ILE B 219 -11.92 14.86 16.77
N LEU B 220 -11.51 13.97 15.84
CA LEU B 220 -10.41 14.21 14.91
C LEU B 220 -10.92 14.04 13.50
N ILE B 221 -10.77 15.09 12.66
CA ILE B 221 -11.07 15.09 11.22
C ILE B 221 -9.71 15.02 10.50
N ILE B 222 -9.37 13.86 9.95
CA ILE B 222 -8.04 13.58 9.35
C ILE B 222 -8.09 13.18 7.85
N GLU B 223 -7.07 13.61 7.09
CA GLU B 223 -6.83 13.25 5.69
C GLU B 223 -6.50 11.75 5.55
N SER B 224 -6.85 11.18 4.39
CA SER B 224 -6.67 9.73 4.12
C SER B 224 -5.77 9.43 2.89
N THR B 225 -5.30 10.47 2.17
CA THR B 225 -4.54 10.44 0.90
C THR B 225 -3.59 9.25 0.73
N TYR B 226 -2.60 9.06 1.64
CA TYR B 226 -1.65 7.95 1.55
C TYR B 226 -1.77 7.01 2.74
N GLY B 227 -2.96 6.97 3.34
CA GLY B 227 -3.25 6.18 4.53
C GLY B 227 -3.01 4.69 4.44
N THR B 228 -3.09 4.10 3.23
CA THR B 228 -2.88 2.66 3.04
C THR B 228 -1.48 2.42 2.51
N HIS B 229 -0.67 3.47 2.40
CA HIS B 229 0.69 3.33 1.87
C HIS B 229 1.78 3.44 2.93
N ILE B 230 2.98 2.92 2.62
CA ILE B 230 4.17 3.06 3.45
C ILE B 230 5.23 3.83 2.62
N HIS B 231 5.66 5.02 3.06
CA HIS B 231 6.63 5.82 2.30
C HIS B 231 8.00 5.17 2.26
N GLU B 232 8.75 5.48 1.18
CA GLU B 232 10.15 5.09 1.08
C GLU B 232 10.96 6.22 1.74
N LYS B 233 12.25 5.97 2.08
CA LYS B 233 13.17 6.95 2.67
C LYS B 233 13.25 8.19 1.77
N ARG B 234 13.44 9.38 2.39
CA ARG B 234 13.56 10.64 1.65
C ARG B 234 14.72 10.54 0.67
N GLU B 235 15.87 9.95 1.10
CA GLU B 235 17.06 9.77 0.25
C GLU B 235 16.78 8.95 -1.01
N GLU B 236 16.00 7.85 -0.89
CA GLU B 236 15.65 6.96 -2.01
C GLU B 236 14.76 7.64 -3.02
N ARG B 237 13.76 8.40 -2.54
CA ARG B 237 12.84 9.19 -3.36
C ARG B 237 13.63 10.31 -4.11
N GLU B 238 14.51 11.05 -3.41
CA GLU B 238 15.27 12.14 -4.02
C GLU B 238 16.20 11.60 -5.09
N ALA B 239 16.85 10.45 -4.83
CA ALA B 239 17.78 9.79 -5.73
C ALA B 239 17.02 9.37 -6.98
N ARG B 240 15.84 8.75 -6.80
CA ARG B 240 14.97 8.29 -7.89
C ARG B 240 14.52 9.44 -8.79
N PHE B 241 14.21 10.61 -8.23
CA PHE B 241 13.77 11.78 -8.97
C PHE B 241 14.95 12.33 -9.78
N CYS B 242 16.11 12.42 -9.15
CA CYS B 242 17.33 12.96 -9.74
C CYS B 242 17.91 12.12 -10.86
N ASN B 243 17.85 10.79 -10.70
CA ASN B 243 18.33 9.86 -11.71
C ASN B 243 17.45 9.85 -12.95
N THR B 244 16.13 10.13 -12.80
CA THR B 244 15.17 10.18 -13.89
C THR B 244 15.41 11.45 -14.71
N VAL B 245 15.59 12.61 -14.03
CA VAL B 245 15.86 13.89 -14.69
C VAL B 245 17.14 13.79 -15.53
N HIS B 246 18.17 13.10 -14.98
CA HIS B 246 19.46 12.83 -15.60
C HIS B 246 19.29 11.96 -16.83
N ASP B 247 18.64 10.80 -16.70
CA ASP B 247 18.41 9.90 -17.84
C ASP B 247 17.70 10.54 -19.05
N ILE B 248 16.81 11.54 -18.82
CA ILE B 248 16.10 12.25 -19.89
C ILE B 248 17.10 13.17 -20.63
N VAL B 249 17.95 13.90 -19.88
CA VAL B 249 18.91 14.81 -20.51
C VAL B 249 20.03 14.00 -21.22
N ASN B 250 20.43 12.85 -20.64
CA ASN B 250 21.43 11.93 -21.21
C ASN B 250 21.08 11.42 -22.61
N ARG B 251 19.77 11.26 -22.89
CA ARG B 251 19.26 10.80 -24.18
C ARG B 251 18.84 11.97 -25.10
N GLY B 252 19.19 13.19 -24.71
CA GLY B 252 18.90 14.39 -25.48
C GLY B 252 17.45 14.86 -25.44
N GLY B 253 16.74 14.46 -24.40
CA GLY B 253 15.34 14.84 -24.23
C GLY B 253 15.14 16.09 -23.39
N ARG B 254 13.88 16.56 -23.40
CA ARG B 254 13.41 17.69 -22.60
C ARG B 254 12.68 17.05 -21.43
N GLY B 255 12.99 17.51 -20.23
CA GLY B 255 12.39 17.05 -19.00
C GLY B 255 11.31 18.00 -18.53
N LEU B 256 10.06 17.55 -18.56
CA LEU B 256 8.94 18.35 -18.11
C LEU B 256 8.54 17.98 -16.68
N ILE B 257 8.53 18.98 -15.78
CA ILE B 257 8.08 18.85 -14.38
C ILE B 257 6.86 19.76 -14.13
N PRO B 258 5.63 19.26 -14.38
CA PRO B 258 4.43 20.08 -14.13
C PRO B 258 4.16 20.32 -12.64
N VAL B 259 4.16 21.58 -12.24
CA VAL B 259 3.91 21.98 -10.85
C VAL B 259 3.54 23.43 -10.90
N PHE B 260 2.61 23.86 -10.02
CA PHE B 260 2.24 25.26 -9.81
C PHE B 260 3.42 25.98 -9.17
N ALA B 261 3.58 27.29 -9.46
CA ALA B 261 4.70 28.13 -9.03
C ALA B 261 5.00 28.12 -7.51
N LEU B 262 3.96 27.92 -6.69
CA LEU B 262 4.04 27.83 -5.24
C LEU B 262 3.41 26.51 -4.77
N GLY B 263 4.04 25.85 -3.79
CA GLY B 263 3.56 24.59 -3.23
C GLY B 263 4.76 23.67 -3.19
N ARG B 264 4.53 22.37 -3.33
CA ARG B 264 5.65 21.43 -3.36
C ARG B 264 6.81 21.65 -4.36
N ALA B 265 6.67 22.67 -5.24
CA ALA B 265 7.67 23.08 -6.24
C ALA B 265 9.00 23.49 -5.58
N GLN B 266 8.92 24.25 -4.46
CA GLN B 266 10.06 24.77 -3.71
C GLN B 266 11.01 23.70 -3.29
N GLU B 267 10.48 22.56 -2.76
CA GLU B 267 11.31 21.40 -2.44
C GLU B 267 11.94 20.77 -3.67
N LEU B 268 11.24 20.73 -4.82
CA LEU B 268 11.81 20.18 -6.06
C LEU B 268 12.97 21.05 -6.58
N LEU B 269 12.83 22.37 -6.49
CA LEU B 269 13.88 23.34 -6.86
C LEU B 269 15.08 23.17 -5.94
N LEU B 270 14.83 23.05 -4.62
CA LEU B 270 15.89 22.79 -3.63
C LEU B 270 16.64 21.48 -3.99
N ILE B 271 15.91 20.40 -4.28
CA ILE B 271 16.52 19.11 -4.64
C ILE B 271 17.33 19.22 -5.93
N LEU B 272 16.74 19.82 -6.98
CA LEU B 272 17.38 19.96 -8.29
C LEU B 272 18.60 20.85 -8.30
N ASP B 273 18.60 21.91 -7.45
CA ASP B 273 19.73 22.82 -7.37
C ASP B 273 20.94 22.15 -6.74
N GLU B 274 20.73 21.25 -5.75
CA GLU B 274 21.81 20.53 -5.12
C GLU B 274 22.42 19.53 -6.12
N TYR B 275 21.57 18.82 -6.89
CA TYR B 275 21.98 17.80 -7.86
C TYR B 275 22.79 18.35 -9.02
N TRP B 276 22.51 19.60 -9.41
CA TRP B 276 23.25 20.28 -10.47
C TRP B 276 24.57 20.73 -9.88
N GLN B 277 24.54 21.33 -8.65
CA GLN B 277 25.74 21.77 -7.93
C GLN B 277 26.80 20.66 -7.85
N ASN B 278 26.38 19.41 -7.56
CA ASN B 278 27.22 18.22 -7.42
C ASN B 278 27.51 17.46 -8.72
N HIS B 279 26.95 17.91 -9.85
CA HIS B 279 27.18 17.25 -11.14
C HIS B 279 27.61 18.26 -12.18
N PRO B 280 28.96 18.39 -12.34
CA PRO B 280 29.53 19.38 -13.28
C PRO B 280 29.19 19.16 -14.76
N GLU B 281 28.98 17.88 -15.15
CA GLU B 281 28.55 17.46 -16.50
C GLU B 281 27.14 17.98 -16.89
N LEU B 282 26.39 18.54 -15.91
CA LEU B 282 25.02 19.07 -16.07
C LEU B 282 24.99 20.59 -15.95
N HIS B 283 26.15 21.22 -15.77
CA HIS B 283 26.26 22.68 -15.66
C HIS B 283 25.79 23.43 -16.91
N ASP B 284 25.92 22.78 -18.10
CA ASP B 284 25.49 23.41 -19.34
C ASP B 284 24.00 23.14 -19.65
N ILE B 285 23.41 22.03 -19.14
CA ILE B 285 21.99 21.71 -19.32
C ILE B 285 21.17 22.66 -18.44
N PRO B 286 20.33 23.54 -19.02
CA PRO B 286 19.57 24.48 -18.15
C PRO B 286 18.30 23.94 -17.50
N ILE B 287 17.94 24.50 -16.32
CA ILE B 287 16.71 24.22 -15.58
C ILE B 287 15.91 25.52 -15.58
N TYR B 288 14.66 25.46 -16.07
CA TYR B 288 13.79 26.63 -16.10
C TYR B 288 12.61 26.53 -15.17
N TYR B 289 12.45 27.56 -14.34
CA TYR B 289 11.37 27.76 -13.40
C TYR B 289 10.47 28.73 -14.18
N ALA B 290 9.64 28.14 -15.07
CA ALA B 290 8.79 28.82 -16.05
C ALA B 290 7.44 29.30 -15.53
N SER B 291 7.43 30.51 -14.97
CA SER B 291 6.26 31.20 -14.44
C SER B 291 6.58 32.69 -14.41
N SER B 292 5.66 33.51 -14.94
CA SER B 292 5.77 34.97 -14.99
C SER B 292 5.92 35.58 -13.59
N LEU B 293 5.60 34.79 -12.54
CA LEU B 293 5.66 35.22 -11.14
C LEU B 293 6.84 34.65 -10.33
N ALA B 294 7.79 33.96 -10.99
CA ALA B 294 8.97 33.33 -10.39
C ALA B 294 9.73 34.21 -9.39
N LYS B 295 9.92 35.52 -9.72
CA LYS B 295 10.59 36.49 -8.86
C LYS B 295 9.72 36.79 -7.63
N LYS B 296 8.41 37.05 -7.84
CA LYS B 296 7.44 37.32 -6.76
C LYS B 296 7.31 36.13 -5.80
N CYS B 297 7.01 34.93 -6.35
CA CYS B 297 6.86 33.65 -5.66
C CYS B 297 8.00 33.38 -4.67
N MET B 298 9.25 33.55 -5.12
CA MET B 298 10.42 33.34 -4.31
C MET B 298 10.64 34.45 -3.27
N ALA B 299 10.25 35.69 -3.60
CA ALA B 299 10.36 36.84 -2.69
C ALA B 299 9.39 36.66 -1.53
N VAL B 300 8.16 36.21 -1.83
CA VAL B 300 7.14 35.92 -0.82
C VAL B 300 7.63 34.77 0.09
N TYR B 301 8.10 33.67 -0.51
CA TYR B 301 8.59 32.48 0.18
C TYR B 301 9.73 32.74 1.19
N GLN B 302 10.76 33.54 0.83
CA GLN B 302 11.89 33.84 1.72
C GLN B 302 11.53 34.79 2.89
N THR B 303 10.33 35.39 2.87
CA THR B 303 9.80 36.25 3.96
C THR B 303 9.30 35.37 5.13
N TYR B 304 9.22 34.04 4.92
CA TYR B 304 8.72 33.13 5.96
C TYR B 304 9.72 32.05 6.33
N VAL B 305 11.03 32.31 6.19
CA VAL B 305 12.12 31.44 6.65
C VAL B 305 11.93 31.15 8.18
N ASN B 306 11.24 32.06 8.90
CA ASN B 306 10.89 31.95 10.32
C ASN B 306 9.89 30.79 10.60
N ALA B 307 9.15 30.35 9.56
CA ALA B 307 8.17 29.24 9.66
C ALA B 307 8.78 27.91 9.17
N MET B 308 10.07 27.93 8.81
CA MET B 308 10.84 26.81 8.31
C MET B 308 11.60 26.03 9.42
N ASN B 309 12.16 24.84 9.09
CA ASN B 309 12.85 24.01 10.06
C ASN B 309 14.26 24.55 10.40
N ASP B 310 14.90 24.01 11.45
CA ASP B 310 16.22 24.44 11.91
C ASP B 310 17.34 24.16 10.91
N LYS B 311 17.18 23.19 10.02
CA LYS B 311 18.18 22.84 9.03
C LYS B 311 18.47 24.00 8.06
N ILE B 312 17.44 24.74 7.61
CA ILE B 312 17.55 25.91 6.73
C ILE B 312 18.15 27.07 7.52
N ARG B 313 17.66 27.25 8.74
CA ARG B 313 18.03 28.33 9.65
C ARG B 313 19.46 28.23 10.18
N LYS B 314 20.02 27.00 10.37
CA LYS B 314 21.41 26.78 10.81
C LYS B 314 22.37 26.92 9.62
N GLN B 315 21.84 27.21 8.42
CA GLN B 315 22.60 27.32 7.19
C GLN B 315 22.50 28.71 6.57
N ILE B 316 21.37 29.41 6.77
CA ILE B 316 21.01 30.72 6.20
C ILE B 316 22.19 31.73 6.09
N ASN B 317 23.19 31.68 7.00
CA ASN B 317 24.33 32.60 6.97
C ASN B 317 25.46 32.13 6.02
N ILE B 318 25.71 30.80 5.92
CA ILE B 318 26.75 30.25 5.03
C ILE B 318 26.23 30.12 3.60
N ASN B 319 24.89 29.95 3.43
CA ASN B 319 24.23 29.74 2.15
C ASN B 319 22.70 29.90 2.24
N ASN B 320 22.11 30.58 1.24
CA ASN B 320 20.66 30.73 1.12
C ASN B 320 20.24 29.79 -0.01
N PRO B 321 19.65 28.61 0.31
CA PRO B 321 19.33 27.64 -0.76
C PRO B 321 18.20 28.07 -1.69
N PHE B 322 17.39 29.06 -1.31
CA PHE B 322 16.31 29.58 -2.17
C PHE B 322 16.86 30.51 -3.25
N VAL B 323 18.08 31.05 -3.06
CA VAL B 323 18.80 31.85 -4.06
C VAL B 323 19.52 30.76 -4.91
N PHE B 324 18.82 30.26 -5.95
CA PHE B 324 19.30 29.14 -6.79
C PHE B 324 20.43 29.52 -7.70
N LYS B 325 21.44 28.65 -7.76
CA LYS B 325 22.66 28.80 -8.55
C LYS B 325 22.50 28.25 -9.97
N HIS B 326 21.82 27.10 -10.12
CA HIS B 326 21.65 26.45 -11.40
C HIS B 326 20.25 26.60 -12.03
N ILE B 327 19.27 27.17 -11.29
CA ILE B 327 17.91 27.38 -11.80
C ILE B 327 17.68 28.82 -12.26
N SER B 328 17.22 29.00 -13.51
CA SER B 328 16.91 30.32 -14.04
C SER B 328 15.40 30.46 -14.25
N ASN B 329 14.87 31.67 -14.03
CA ASN B 329 13.46 31.99 -14.18
C ASN B 329 13.07 32.07 -15.67
N LEU B 330 11.76 32.13 -15.99
CA LEU B 330 11.31 32.22 -17.38
C LEU B 330 9.99 32.96 -17.53
N LYS B 331 10.09 34.22 -18.03
CA LYS B 331 8.98 35.16 -18.34
C LYS B 331 7.96 34.54 -19.29
N SER B 332 8.36 34.32 -20.57
CA SER B 332 7.48 33.76 -21.61
C SER B 332 8.25 32.78 -22.49
N MET B 333 7.50 31.88 -23.14
CA MET B 333 7.96 30.83 -24.04
C MET B 333 8.47 31.34 -25.38
N ASP B 334 8.07 32.56 -25.79
CA ASP B 334 8.51 33.15 -27.05
C ASP B 334 9.96 33.66 -26.98
N HIS B 335 10.39 34.09 -25.77
CA HIS B 335 11.76 34.57 -25.52
C HIS B 335 12.76 33.39 -25.58
N PHE B 336 12.44 32.30 -24.85
CA PHE B 336 13.22 31.06 -24.74
C PHE B 336 13.21 30.24 -26.04
N ASP B 337 14.36 29.61 -26.35
CA ASP B 337 14.57 28.74 -27.52
C ASP B 337 14.84 27.30 -27.07
N ASP B 338 14.12 26.35 -27.67
CA ASP B 338 14.24 24.93 -27.30
C ASP B 338 15.33 24.24 -28.10
N ILE B 339 16.58 24.54 -27.75
CA ILE B 339 17.76 23.97 -28.40
C ILE B 339 18.40 22.97 -27.45
N GLY B 340 18.39 21.69 -27.83
CA GLY B 340 18.98 20.61 -27.05
C GLY B 340 18.31 20.25 -25.74
N PRO B 341 18.95 19.42 -24.89
CA PRO B 341 18.31 19.02 -23.61
C PRO B 341 18.15 20.16 -22.60
N SER B 342 17.05 20.10 -21.81
CA SER B 342 16.67 21.10 -20.80
C SER B 342 15.60 20.54 -19.85
N VAL B 343 15.44 21.16 -18.68
CA VAL B 343 14.43 20.75 -17.70
C VAL B 343 13.54 21.95 -17.45
N VAL B 344 12.23 21.79 -17.66
CA VAL B 344 11.25 22.87 -17.46
C VAL B 344 10.20 22.52 -16.41
N MET B 345 10.09 23.40 -15.40
CA MET B 345 9.10 23.35 -14.32
C MET B 345 8.01 24.33 -14.67
N ALA B 346 6.89 23.83 -15.20
CA ALA B 346 5.78 24.65 -15.66
C ALA B 346 4.50 24.34 -14.94
N SER B 347 3.65 25.36 -14.75
CA SER B 347 2.36 25.15 -14.11
C SER B 347 1.29 24.83 -15.17
N PRO B 348 0.22 24.05 -14.86
CA PRO B 348 -0.14 23.40 -13.59
C PRO B 348 0.35 21.97 -13.45
N GLY B 349 0.24 21.41 -12.26
CA GLY B 349 0.69 20.06 -11.96
C GLY B 349 -0.07 18.93 -12.62
N MET B 350 -1.39 19.04 -12.69
CA MET B 350 -2.21 17.97 -13.25
C MET B 350 -2.41 18.11 -14.78
N MET B 351 -1.76 19.14 -15.39
CA MET B 351 -1.68 19.42 -16.83
C MET B 351 -3.04 19.53 -17.56
N GLN B 352 -4.02 20.18 -16.94
CA GLN B 352 -5.34 20.29 -17.56
C GLN B 352 -5.37 21.27 -18.71
N SER B 353 -4.60 22.34 -18.57
CA SER B 353 -4.49 23.45 -19.50
C SER B 353 -3.20 24.15 -19.12
N GLY B 354 -3.02 25.39 -19.54
CA GLY B 354 -1.82 26.15 -19.28
C GLY B 354 -0.60 25.62 -19.99
N LEU B 355 0.56 26.20 -19.65
CA LEU B 355 1.88 25.90 -20.19
C LEU B 355 2.27 24.42 -20.11
N SER B 356 2.08 23.77 -18.95
CA SER B 356 2.48 22.36 -18.80
C SER B 356 1.79 21.44 -19.79
N ARG B 357 0.53 21.77 -20.17
CA ARG B 357 -0.26 21.03 -21.16
C ARG B 357 0.28 21.27 -22.58
N GLU B 358 0.61 22.54 -22.90
CA GLU B 358 1.20 22.96 -24.19
C GLU B 358 2.51 22.21 -24.44
N LEU B 359 3.44 22.25 -23.45
CA LEU B 359 4.74 21.58 -23.57
C LEU B 359 4.59 20.10 -23.70
N PHE B 360 3.66 19.51 -22.94
CA PHE B 360 3.38 18.09 -23.00
C PHE B 360 2.95 17.67 -24.39
N GLU B 361 2.10 18.46 -25.06
CA GLU B 361 1.63 18.18 -26.42
C GLU B 361 2.73 18.32 -27.49
N SER B 362 3.74 19.22 -27.25
CA SER B 362 4.88 19.43 -28.15
C SER B 362 5.91 18.33 -28.01
N TRP B 363 5.97 17.73 -26.81
CA TRP B 363 7.02 16.79 -26.49
C TRP B 363 6.64 15.31 -26.36
N CYS B 364 5.34 14.97 -26.28
CA CYS B 364 4.92 13.59 -25.99
C CYS B 364 5.22 12.57 -27.07
N THR B 365 5.40 13.02 -28.34
CA THR B 365 5.66 12.21 -29.54
C THR B 365 7.12 11.72 -29.66
N ASP B 366 8.09 12.44 -29.05
CA ASP B 366 9.50 12.06 -29.06
C ASP B 366 9.85 11.24 -27.80
N LYS B 367 10.33 9.98 -28.00
CA LYS B 367 10.66 9.03 -26.93
C LYS B 367 11.86 9.43 -26.05
N ARG B 368 12.57 10.53 -26.38
CA ARG B 368 13.72 11.01 -25.61
C ARG B 368 13.24 11.89 -24.47
N ASN B 369 12.11 12.57 -24.68
CA ASN B 369 11.46 13.45 -23.71
C ASN B 369 10.82 12.67 -22.57
N GLY B 370 10.69 13.35 -21.45
CA GLY B 370 10.08 12.75 -20.26
C GLY B 370 9.34 13.72 -19.37
N VAL B 371 8.26 13.21 -18.74
CA VAL B 371 7.45 13.96 -17.78
C VAL B 371 7.60 13.31 -16.37
N ILE B 372 7.91 14.15 -15.35
CA ILE B 372 7.98 13.67 -13.97
C ILE B 372 6.79 14.28 -13.18
N ILE B 373 5.82 13.44 -12.79
CA ILE B 373 4.62 13.82 -12.03
C ILE B 373 4.96 13.65 -10.56
N ALA B 374 5.13 14.76 -9.83
CA ALA B 374 5.58 14.74 -8.44
C ALA B 374 4.46 14.87 -7.37
N GLY B 375 3.22 15.09 -7.81
CA GLY B 375 2.08 15.22 -6.91
C GLY B 375 1.00 14.17 -7.06
N TYR B 376 0.01 14.25 -6.14
CA TYR B 376 -1.14 13.37 -6.11
C TYR B 376 -2.09 13.78 -7.25
N CYS B 377 -2.41 12.85 -8.16
CA CYS B 377 -3.33 13.16 -9.26
C CYS B 377 -4.74 12.68 -9.02
N VAL B 378 -5.65 13.62 -9.16
CA VAL B 378 -7.10 13.52 -9.00
C VAL B 378 -7.72 12.96 -10.30
N GLU B 379 -8.75 12.12 -10.17
CA GLU B 379 -9.46 11.54 -11.32
C GLU B 379 -10.10 12.66 -12.14
N GLY B 380 -10.06 12.53 -13.47
CA GLY B 380 -10.61 13.53 -14.38
C GLY B 380 -9.59 14.52 -14.92
N THR B 381 -8.28 14.26 -14.66
CA THR B 381 -7.14 15.08 -15.10
C THR B 381 -6.24 14.31 -16.05
N LEU B 382 -5.52 15.04 -16.93
CA LEU B 382 -4.56 14.46 -17.89
C LEU B 382 -3.48 13.68 -17.16
N ALA B 383 -2.91 14.26 -16.07
CA ALA B 383 -1.89 13.61 -15.24
C ALA B 383 -2.35 12.24 -14.74
N LYS B 384 -3.64 12.09 -14.36
CA LYS B 384 -4.18 10.79 -13.94
C LYS B 384 -4.37 9.83 -15.11
N HIS B 385 -4.93 10.31 -16.24
CA HIS B 385 -5.17 9.48 -17.44
C HIS B 385 -3.86 8.89 -17.99
N ILE B 386 -2.77 9.67 -17.96
CA ILE B 386 -1.42 9.27 -18.40
C ILE B 386 -0.90 8.04 -17.63
N MET B 387 -1.36 7.83 -16.39
CA MET B 387 -0.99 6.73 -15.48
C MET B 387 -1.34 5.35 -16.04
N SER B 388 -2.48 5.25 -16.74
CA SER B 388 -2.95 4.01 -17.37
C SER B 388 -2.07 3.55 -18.55
N GLU B 389 -1.09 4.40 -18.96
CA GLU B 389 -0.16 4.18 -20.08
C GLU B 389 -0.94 4.09 -21.40
N PRO B 390 -1.72 5.12 -21.78
CA PRO B 390 -2.47 5.02 -23.05
C PRO B 390 -1.56 5.14 -24.27
N GLU B 391 -1.92 4.45 -25.38
CA GLU B 391 -1.13 4.48 -26.64
C GLU B 391 -1.09 5.90 -27.24
N GLU B 392 -2.21 6.63 -27.10
CA GLU B 392 -2.41 8.00 -27.58
C GLU B 392 -3.05 8.90 -26.52
N ILE B 393 -2.81 10.20 -26.66
CA ILE B 393 -3.37 11.27 -25.84
C ILE B 393 -4.16 12.23 -26.75
N THR B 394 -5.26 12.78 -26.22
CA THR B 394 -6.07 13.74 -26.95
C THR B 394 -5.65 15.12 -26.53
N THR B 395 -5.28 15.96 -27.51
CA THR B 395 -4.89 17.34 -27.26
C THR B 395 -6.09 18.19 -26.86
N MET B 396 -5.85 19.44 -26.52
CA MET B 396 -6.92 20.36 -26.16
C MET B 396 -7.81 20.68 -27.38
N SER B 397 -7.21 20.73 -28.58
CA SER B 397 -7.89 21.03 -29.87
C SER B 397 -8.77 19.87 -30.39
N GLY B 398 -8.55 18.67 -29.89
CA GLY B 398 -9.31 17.48 -30.30
C GLY B 398 -8.49 16.45 -31.05
N GLN B 399 -7.23 16.79 -31.36
CA GLN B 399 -6.27 15.96 -32.09
C GLN B 399 -5.75 14.80 -31.25
N LYS B 400 -5.37 13.68 -31.89
CA LYS B 400 -4.82 12.51 -31.19
C LYS B 400 -3.32 12.35 -31.48
N LEU B 401 -2.49 12.28 -30.40
CA LEU B 401 -1.05 12.13 -30.55
C LEU B 401 -0.58 10.88 -29.87
N PRO B 402 0.39 10.11 -30.46
CA PRO B 402 0.92 8.93 -29.73
C PRO B 402 1.73 9.34 -28.50
N LEU B 403 1.68 8.55 -27.42
CA LEU B 403 2.41 8.84 -26.18
C LEU B 403 3.69 8.01 -26.19
N LYS B 404 4.79 8.67 -26.60
CA LYS B 404 6.11 8.03 -26.77
C LYS B 404 7.10 8.42 -25.70
N MET B 405 6.93 9.63 -25.16
CA MET B 405 7.73 10.19 -24.08
C MET B 405 7.47 9.39 -22.79
N SER B 406 8.52 9.26 -21.97
CA SER B 406 8.45 8.54 -20.68
C SER B 406 7.60 9.29 -19.65
N VAL B 407 6.94 8.53 -18.78
CA VAL B 407 6.10 9.08 -17.72
C VAL B 407 6.51 8.42 -16.41
N ASP B 408 6.92 9.23 -15.45
CA ASP B 408 7.34 8.73 -14.15
C ASP B 408 6.64 9.44 -13.03
N TYR B 409 6.03 8.65 -12.14
CA TYR B 409 5.34 9.17 -10.95
C TYR B 409 6.27 8.96 -9.78
N ILE B 410 6.81 10.06 -9.26
CA ILE B 410 7.69 10.07 -8.08
C ILE B 410 7.09 11.12 -7.14
N SER B 411 6.33 10.65 -6.14
CA SER B 411 5.60 11.50 -5.21
C SER B 411 6.47 12.31 -4.25
N PHE B 412 6.04 13.54 -4.03
CA PHE B 412 6.63 14.51 -3.11
C PHE B 412 5.48 15.28 -2.48
N SER B 413 4.31 14.64 -2.46
CA SER B 413 3.02 15.10 -1.94
C SER B 413 3.07 15.60 -0.51
N ALA B 414 3.84 14.92 0.38
CA ALA B 414 3.98 15.26 1.82
C ALA B 414 2.66 15.03 2.60
N HIS B 415 2.13 13.80 2.51
CA HIS B 415 0.95 13.34 3.22
C HIS B 415 1.40 12.25 4.15
N THR B 416 0.70 12.01 5.24
CA THR B 416 1.09 10.95 6.17
C THR B 416 0.82 9.59 5.53
N ASP B 417 1.63 8.58 5.84
CA ASP B 417 1.39 7.23 5.33
C ASP B 417 0.63 6.48 6.43
N TYR B 418 0.47 5.14 6.33
CA TYR B 418 -0.24 4.44 7.40
C TYR B 418 0.44 4.55 8.75
N GLN B 419 1.78 4.33 8.80
CA GLN B 419 2.52 4.33 10.06
C GLN B 419 2.42 5.69 10.82
N GLN B 420 2.38 6.82 10.09
CA GLN B 420 2.29 8.14 10.66
C GLN B 420 0.87 8.48 11.11
N THR B 421 -0.13 8.11 10.30
CA THR B 421 -1.52 8.37 10.67
C THR B 421 -1.87 7.59 11.93
N SER B 422 -1.50 6.29 11.93
CA SER B 422 -1.69 5.30 12.97
C SER B 422 -1.08 5.81 14.30
N GLU B 423 0.16 6.33 14.23
CA GLU B 423 0.92 6.89 15.34
C GLU B 423 0.19 8.11 15.91
N PHE B 424 -0.21 9.05 15.01
CA PHE B 424 -0.94 10.28 15.35
C PHE B 424 -2.20 9.94 16.14
N ILE B 425 -2.99 8.96 15.67
CA ILE B 425 -4.23 8.53 16.32
C ILE B 425 -3.92 7.86 17.69
N ARG B 426 -2.87 7.03 17.76
CA ARG B 426 -2.49 6.35 18.99
C ARG B 426 -2.04 7.33 20.09
N ALA B 427 -1.53 8.51 19.69
CA ALA B 427 -1.05 9.48 20.65
C ALA B 427 -2.21 10.25 21.25
N LEU B 428 -3.14 10.66 20.41
CA LEU B 428 -4.26 11.50 20.77
C LEU B 428 -5.45 10.75 21.31
N LYS B 429 -5.62 9.50 20.87
CA LYS B 429 -6.70 8.55 21.16
C LYS B 429 -8.07 9.24 21.17
N PRO B 430 -8.53 9.80 20.03
CA PRO B 430 -9.82 10.49 20.05
C PRO B 430 -11.01 9.53 20.02
N PRO B 431 -12.07 9.78 20.84
CA PRO B 431 -13.28 8.93 20.79
C PRO B 431 -13.84 8.76 19.38
N HIS B 432 -13.71 9.80 18.54
CA HIS B 432 -14.21 9.79 17.16
C HIS B 432 -13.21 10.28 16.14
N VAL B 433 -13.00 9.49 15.08
CA VAL B 433 -12.13 9.79 13.96
C VAL B 433 -12.97 9.86 12.69
N ILE B 434 -12.89 11.01 11.99
CA ILE B 434 -13.60 11.24 10.75
C ILE B 434 -12.60 11.36 9.60
N LEU B 435 -12.55 10.34 8.75
CA LEU B 435 -11.69 10.25 7.58
C LEU B 435 -12.27 11.08 6.44
N VAL B 436 -11.42 11.91 5.83
CA VAL B 436 -11.73 12.76 4.65
C VAL B 436 -10.53 12.76 3.70
N HIS B 437 -10.67 13.43 2.53
CA HIS B 437 -9.59 13.67 1.59
C HIS B 437 -8.78 12.37 1.29
N GLY B 438 -9.40 11.48 0.54
CA GLY B 438 -8.83 10.21 0.11
C GLY B 438 -9.71 9.56 -0.93
N GLU B 439 -9.12 8.70 -1.76
CA GLU B 439 -9.85 7.91 -2.76
C GLU B 439 -10.74 6.94 -1.95
N GLN B 440 -11.98 6.71 -2.44
CA GLN B 440 -13.02 5.90 -1.82
C GLN B 440 -12.56 4.50 -1.29
N ASN B 441 -11.92 3.71 -2.13
CA ASN B 441 -11.48 2.35 -1.75
C ASN B 441 -10.34 2.37 -0.72
N GLU B 442 -9.42 3.34 -0.82
CA GLU B 442 -8.30 3.44 0.13
C GLU B 442 -8.78 3.90 1.51
N MET B 443 -9.78 4.81 1.55
CA MET B 443 -10.37 5.33 2.79
C MET B 443 -11.01 4.16 3.56
N ALA B 444 -11.68 3.23 2.82
CA ALA B 444 -12.33 2.04 3.37
C ALA B 444 -11.33 1.05 4.00
N ARG B 445 -10.14 0.80 3.37
CA ARG B 445 -9.11 -0.10 3.92
C ARG B 445 -8.48 0.52 5.18
N LEU B 446 -8.22 1.86 5.14
CA LEU B 446 -7.69 2.65 6.27
C LEU B 446 -8.69 2.57 7.44
N LYS B 447 -10.00 2.79 7.16
CA LYS B 447 -11.08 2.65 8.14
C LYS B 447 -11.04 1.23 8.76
N ALA B 448 -11.02 0.19 7.91
CA ALA B 448 -10.96 -1.23 8.30
C ALA B 448 -9.76 -1.49 9.18
N ALA B 449 -8.57 -1.02 8.77
CA ALA B 449 -7.32 -1.21 9.52
C ALA B 449 -7.34 -0.50 10.88
N LEU B 450 -7.90 0.72 10.93
CA LEU B 450 -7.96 1.48 12.18
C LEU B 450 -8.87 0.78 13.19
N ILE B 451 -9.99 0.21 12.70
CA ILE B 451 -10.95 -0.56 13.53
C ILE B 451 -10.24 -1.79 14.14
N ARG B 452 -9.53 -2.58 13.35
CA ARG B 452 -8.73 -3.75 13.75
C ARG B 452 -7.72 -3.45 14.82
N GLU B 453 -7.08 -2.28 14.70
CA GLU B 453 -6.06 -1.82 15.61
C GLU B 453 -6.57 -1.67 17.04
N TYR B 454 -7.82 -1.19 17.20
CA TYR B 454 -8.42 -0.95 18.53
C TYR B 454 -9.48 -1.98 18.89
N GLU B 455 -9.87 -2.84 17.95
CA GLU B 455 -10.86 -3.92 18.04
C GLU B 455 -10.78 -4.77 19.34
N ASP B 456 -9.57 -5.20 19.73
CA ASP B 456 -9.43 -6.09 20.87
C ASP B 456 -9.12 -5.41 22.22
N ASN B 457 -8.54 -4.19 22.24
CA ASN B 457 -8.27 -3.60 23.55
C ASN B 457 -9.50 -2.89 24.07
N ASP B 458 -10.02 -3.43 25.19
CA ASP B 458 -11.20 -2.96 25.89
C ASP B 458 -10.91 -1.70 26.73
N GLU B 459 -9.67 -1.17 26.61
CA GLU B 459 -9.20 0.04 27.29
C GLU B 459 -9.39 1.29 26.44
N VAL B 460 -9.28 1.16 25.11
CA VAL B 460 -9.42 2.29 24.19
C VAL B 460 -10.57 2.06 23.23
N HIS B 461 -11.50 3.01 23.22
CA HIS B 461 -12.66 2.96 22.34
CA HIS B 461 -12.67 2.96 22.33
C HIS B 461 -12.61 4.11 21.33
N ILE B 462 -12.43 3.77 20.04
CA ILE B 462 -12.36 4.73 18.93
C ILE B 462 -13.39 4.29 17.89
N GLU B 463 -14.21 5.22 17.41
CA GLU B 463 -15.18 4.98 16.34
C GLU B 463 -14.64 5.72 15.10
N VAL B 464 -14.56 5.02 13.97
CA VAL B 464 -14.01 5.53 12.71
C VAL B 464 -15.16 5.69 11.73
N HIS B 465 -15.34 6.91 11.20
CA HIS B 465 -16.38 7.29 10.25
C HIS B 465 -15.78 7.78 8.91
N ASN B 466 -16.39 7.40 7.77
CA ASN B 466 -16.00 7.83 6.42
C ASN B 466 -17.22 8.39 5.64
N PRO B 467 -17.71 9.60 6.03
CA PRO B 467 -18.85 10.17 5.33
C PRO B 467 -18.62 10.51 3.85
N ARG B 468 -19.67 10.35 3.05
CA ARG B 468 -19.72 10.68 1.61
C ARG B 468 -20.08 12.14 1.57
N ASN B 469 -19.88 12.81 0.41
CA ASN B 469 -20.31 14.21 0.29
C ASN B 469 -21.81 14.28 0.56
N THR B 470 -22.26 15.27 1.39
CA THR B 470 -23.69 15.46 1.76
C THR B 470 -24.12 14.58 2.96
N GLU B 471 -23.28 13.64 3.39
CA GLU B 471 -23.63 12.74 4.48
C GLU B 471 -23.18 13.35 5.80
N ALA B 472 -24.14 13.49 6.75
CA ALA B 472 -23.93 13.98 8.12
C ALA B 472 -23.44 12.86 9.04
N VAL B 473 -22.54 13.22 9.95
CA VAL B 473 -22.03 12.40 11.03
C VAL B 473 -22.70 13.07 12.24
N THR B 474 -23.51 12.30 12.96
CA THR B 474 -24.25 12.83 14.10
C THR B 474 -23.68 12.25 15.36
N LEU B 475 -23.27 13.12 16.29
CA LEU B 475 -22.63 12.71 17.54
C LEU B 475 -23.32 13.38 18.71
N ASN B 476 -23.47 12.70 19.85
CA ASN B 476 -24.11 13.35 20.99
C ASN B 476 -23.21 13.50 22.17
N PHE B 477 -23.06 14.77 22.63
CA PHE B 477 -22.21 15.18 23.75
C PHE B 477 -23.01 15.65 24.94
N ARG B 478 -22.91 14.90 26.05
CA ARG B 478 -23.56 15.13 27.35
C ARG B 478 -25.08 15.30 27.25
ZN ZN C . 5.73 -18.52 1.69
ZN ZN D . 2.72 -19.78 2.76
C2 JBG E . 9.90 -27.42 -10.57
C3 JBG E . 8.71 -26.96 -11.47
C11 JBG E . 4.89 -24.00 -8.52
C12 JBG E . 5.35 -24.03 -7.19
C13 JBG E . 4.58 -23.55 -6.13
C14 JBG E . 3.32 -22.97 -6.41
C15 JBG E . 2.85 -22.95 -7.75
C16 JBG E . 3.66 -23.41 -8.82
C20 JBG E . 2.47 -22.53 -5.24
C23 JBG E . 0.21 -21.92 -4.34
C24 JBG E . -1.10 -22.66 -4.58
C27 JBG E . 0.00 -20.38 -4.13
C28 JBG E . -0.67 -19.66 -5.32
C29 JBG E . -2.07 -19.63 -5.46
C30 JBG E . -2.65 -18.94 -6.54
N1 JBG E . 10.70 -26.27 -10.13
N4 JBG E . 7.94 -25.95 -10.72
C5 JBG E . 8.73 -24.75 -10.31
C6 JBG E . 9.93 -25.21 -9.43
C7 JBG E . 6.56 -25.75 -11.24
C8 JBG E . 5.58 -25.73 -10.04
O9 JBG E . 5.74 -24.41 -9.54
C10 JBG E . 11.93 -26.71 -9.42
CL17 JBG E . 3.14 -23.31 -10.50
CL18 JBG E . 6.93 -24.69 -6.87
O19 JBG E . 1.60 -22.43 -8.08
O21 JBG E . 3.04 -22.49 -4.16
N22 JBG E . 1.15 -22.25 -5.40
O25 JBG E . -1.30 -23.11 -5.82
O26 JBG E . -1.90 -22.78 -3.67
C31 JBG E . -1.84 -18.25 -7.46
C32 JBG E . -0.44 -18.24 -7.31
C33 JBG E . 0.14 -18.94 -6.23
P PO4 F . -6.40 -7.46 -0.10
O1 PO4 F . -6.17 -6.67 -1.49
O2 PO4 F . -5.08 -8.14 0.34
O3 PO4 F . -7.49 -8.61 -0.34
O4 PO4 F . -6.90 -6.48 1.05
P PO4 G . 2.70 -17.69 0.10
O1 PO4 G . 1.86 -16.51 -0.55
O2 PO4 G . 4.08 -17.20 0.59
O3 PO4 G . 2.91 -18.86 -0.98
O4 PO4 G . 1.92 -18.34 1.33
ZN ZN H . -5.25 18.54 -0.41
ZN ZN I . -2.36 20.07 0.18
C2 JBG J . -11.02 25.24 -13.58
C3 JBG J . -9.76 24.77 -14.36
C11 JBG J . -5.67 22.31 -11.18
C12 JBG J . -5.99 22.63 -9.85
C13 JBG J . -5.10 22.35 -8.82
C14 JBG J . -3.88 21.71 -9.09
C15 JBG J . -3.55 21.41 -10.44
C16 JBG J . -4.46 21.67 -11.47
C20 JBG J . -2.90 21.48 -7.96
C23 JBG J . -0.47 21.03 -7.35
C24 JBG J . 0.72 21.79 -7.91
C27 JBG J . -0.18 19.54 -6.97
C28 JBG J . 0.45 18.70 -8.11
C29 JBG J . 1.86 18.71 -8.33
C30 JBG J . 2.44 17.94 -9.36
N1 JBG J . -11.76 24.13 -12.91
N4 JBG J . -8.97 23.81 -13.54
C5 JBG J . -9.75 22.63 -13.06
C6 JBG J . -10.93 23.12 -12.17
C7 JBG J . -7.60 23.54 -14.06
C8 JBG J . -6.54 23.74 -12.93
O9 JBG J . -6.61 22.51 -12.19
C10 JBG J . -12.95 24.60 -12.17
CL17 JBG J . -4.09 21.21 -13.12
CL18 JBG J . -7.52 23.37 -9.49
O19 JBG J . -2.35 20.83 -10.80
O21 JBG J . -3.35 21.55 -6.80
N22 JBG J . -1.60 21.22 -8.27
O25 JBG J . 1.59 22.24 -7.02
O26 JBG J . 0.86 21.96 -9.10
C31 JBG J . 1.62 17.07 -10.12
C32 JBG J . 0.23 17.01 -9.89
C33 JBG J . -0.35 17.82 -8.87
P PO4 K . -2.41 17.55 -2.15
O1 PO4 K . -2.65 18.47 -3.44
O2 PO4 K . -3.83 17.10 -1.54
O3 PO4 K . -1.63 18.31 -1.07
O4 PO4 K . -1.61 16.23 -2.58
#